data_6P83
#
_entry.id   6P83
#
_cell.length_a   97.722
_cell.length_b   97.722
_cell.length_c   215.999
_cell.angle_alpha   90.000
_cell.angle_beta   90.000
_cell.angle_gamma   120.000
#
_symmetry.space_group_name_H-M   'P 32 2 1'
#
loop_
_entity.id
_entity.type
_entity.pdbx_description
1 polymer 'UDP-3-O-(3-hydroxymyristoyl)glucosamine N-acyltransferase'
2 non-polymer 'MAGNESIUM ION'
3 non-polymer 4-(2-chlorophenyl)-3-hydroxy-7,7-dimethyl-2-phenyl-2,6,7,8-tetrahydro-5H-pyrazolo[3,4-b]quinolin-5-one
4 water water
#
_entity_poly.entity_id   1
_entity_poly.type   'polypeptide(L)'
_entity_poly.pdbx_seq_one_letter_code
;GSGGSIRLADLAQQLDAELHGDGDIVITGVASMQSAQTGHITFMVNPKYREHLGLCQASAVVMTQDDLPFAKSAALVVKN
PYLTYARMAQILDTTPQPAQNIAPSAVIDATAKLGNNVSIGANAVIESGVELGDNVIIGAGCFVGKNSKIGAGSRLWANV
TIYHEIQIGQNCLIQSGTVVGADGFGYANDRGNWVKIPQIGRVIIGDRVEIGACTTIDRGALDDTIIGNGVIIDNQCQIA
HNVVIGDNTAVAGGVIMAGSLKIGRYCMIGGASVINGHMEICDKVTVTGMGMVMRPITEPGVYSSGIPLQPNKVWRKTAA
LVMNIDDMSKRLKSLERKVNQQD
;
_entity_poly.pdbx_strand_id   A,B,C
#
# COMPACT_ATOMS: atom_id res chain seq x y z
N SER A 5 -9.88 -0.56 37.10
CA SER A 5 -10.63 0.39 37.92
C SER A 5 -9.69 1.18 38.82
N ILE A 6 -9.93 2.48 38.94
CA ILE A 6 -9.03 3.34 39.71
C ILE A 6 -9.83 4.48 40.32
N ARG A 7 -9.55 4.77 41.59
CA ARG A 7 -10.14 5.93 42.25
C ARG A 7 -9.68 7.21 41.57
N LEU A 8 -10.62 8.14 41.42
CA LEU A 8 -10.29 9.40 40.75
C LEU A 8 -9.12 10.10 41.43
N ALA A 9 -9.09 10.12 42.77
CA ALA A 9 -7.97 10.76 43.46
C ALA A 9 -6.63 10.14 43.08
N ASP A 10 -6.59 8.81 42.99
CA ASP A 10 -5.37 8.13 42.58
C ASP A 10 -5.04 8.45 41.12
N LEU A 11 -6.04 8.45 40.24
CA LEU A 11 -5.77 8.78 38.84
C LEU A 11 -5.22 10.19 38.72
N ALA A 12 -5.82 11.15 39.43
CA ALA A 12 -5.32 12.52 39.41
C ALA A 12 -3.87 12.59 39.88
N GLN A 13 -3.54 11.88 40.95
CA GLN A 13 -2.17 11.88 41.43
C GLN A 13 -1.21 11.38 40.34
N GLN A 14 -1.55 10.26 39.70
CA GLN A 14 -0.69 9.69 38.65
C GLN A 14 -0.56 10.60 37.44
N LEU A 15 -1.53 11.49 37.22
CA LEU A 15 -1.50 12.39 36.08
C LEU A 15 -0.95 13.76 36.43
N ASP A 16 -0.61 13.99 37.70
CA ASP A 16 -0.21 15.31 38.17
C ASP A 16 -1.27 16.35 37.84
N ALA A 17 -2.53 15.99 38.08
CA ALA A 17 -3.66 16.87 37.83
C ALA A 17 -4.29 17.30 39.16
N GLU A 18 -4.84 18.51 39.17
CA GLU A 18 -5.53 19.02 40.35
C GLU A 18 -6.99 18.60 40.31
N LEU A 19 -7.42 17.84 41.32
CA LEU A 19 -8.77 17.32 41.40
C LEU A 19 -9.73 18.36 41.94
N HIS A 20 -10.88 18.50 41.28
CA HIS A 20 -11.98 19.34 41.77
C HIS A 20 -13.20 18.45 41.80
N GLY A 21 -13.54 17.93 42.99
CA GLY A 21 -14.67 17.06 43.16
C GLY A 21 -14.29 15.81 43.92
N ASP A 22 -15.15 14.79 43.84
CA ASP A 22 -15.10 13.64 44.73
C ASP A 22 -14.01 12.66 44.32
N GLY A 23 -12.92 12.62 45.11
CA GLY A 23 -11.79 11.75 44.81
C GLY A 23 -12.10 10.27 44.88
N ASP A 24 -13.17 9.87 45.58
CA ASP A 24 -13.52 8.46 45.67
C ASP A 24 -14.27 7.95 44.45
N ILE A 25 -14.59 8.81 43.47
CA ILE A 25 -15.25 8.32 42.27
C ILE A 25 -14.38 7.24 41.62
N VAL A 26 -15.01 6.16 41.20
CA VAL A 26 -14.29 5.03 40.62
C VAL A 26 -14.34 5.20 39.10
N ILE A 27 -13.16 5.33 38.48
CA ILE A 27 -13.05 5.44 37.02
C ILE A 27 -12.71 4.07 36.44
N THR A 28 -13.51 3.62 35.47
CA THR A 28 -13.31 2.33 34.83
C THR A 28 -12.77 2.41 33.41
N GLY A 29 -12.67 3.60 32.82
CA GLY A 29 -12.29 3.69 31.42
C GLY A 29 -12.39 5.11 30.90
N VAL A 30 -11.87 5.29 29.69
CA VAL A 30 -11.87 6.55 28.95
C VAL A 30 -12.93 6.46 27.86
N ALA A 31 -13.58 7.58 27.57
CA ALA A 31 -14.61 7.62 26.54
C ALA A 31 -14.62 9.02 25.94
N SER A 32 -15.15 9.13 24.72
CA SER A 32 -15.31 10.45 24.13
C SER A 32 -16.34 11.26 24.93
N MET A 33 -16.31 12.58 24.75
CA MET A 33 -17.26 13.43 25.45
C MET A 33 -18.70 13.08 25.08
N GLN A 34 -18.93 12.71 23.83
CA GLN A 34 -20.31 12.43 23.43
C GLN A 34 -20.79 11.08 23.95
N SER A 35 -19.88 10.13 24.15
CA SER A 35 -20.25 8.76 24.54
C SER A 35 -20.12 8.49 26.03
N ALA A 36 -19.42 9.34 26.78
CA ALA A 36 -19.03 9.02 28.15
C ALA A 36 -20.25 8.78 29.03
N GLN A 37 -20.16 7.78 29.90
CA GLN A 37 -21.20 7.48 30.87
C GLN A 37 -20.58 7.38 32.26
N THR A 38 -21.40 7.10 33.26
CA THR A 38 -20.89 6.97 34.62
C THR A 38 -19.76 5.95 34.65
N GLY A 39 -18.66 6.33 35.31
CA GLY A 39 -17.46 5.52 35.35
C GLY A 39 -16.39 5.91 34.35
N HIS A 40 -16.73 6.70 33.35
CA HIS A 40 -15.78 7.12 32.33
C HIS A 40 -15.15 8.44 32.69
N ILE A 41 -13.89 8.60 32.33
CA ILE A 41 -13.23 9.90 32.31
C ILE A 41 -13.11 10.30 30.85
N THR A 42 -13.26 11.58 30.59
CA THR A 42 -13.07 12.10 29.23
C THR A 42 -12.28 13.39 29.35
N PHE A 43 -12.21 14.14 28.25
CA PHE A 43 -11.36 15.32 28.21
C PHE A 43 -11.95 16.30 27.21
N MET A 44 -11.56 17.57 27.34
CA MET A 44 -11.91 18.58 26.35
C MET A 44 -10.70 19.45 26.06
N VAL A 45 -10.52 19.75 24.78
CA VAL A 45 -9.47 20.67 24.34
C VAL A 45 -10.12 21.88 23.69
N ASN A 46 -11.35 21.71 23.13
CA ASN A 46 -11.99 22.82 22.39
C ASN A 46 -13.01 23.53 23.26
N PRO A 47 -12.93 24.85 23.41
CA PRO A 47 -13.86 25.55 24.33
C PRO A 47 -15.30 25.57 23.83
N LYS A 48 -15.55 25.25 22.56
CA LYS A 48 -16.91 25.11 22.05
C LYS A 48 -17.75 24.15 22.89
N TYR A 49 -17.11 23.21 23.58
CA TYR A 49 -17.82 22.20 24.37
C TYR A 49 -18.24 22.70 25.75
N ARG A 50 -17.83 23.91 26.14
CA ARG A 50 -18.13 24.36 27.50
C ARG A 50 -19.63 24.49 27.74
N GLU A 51 -20.39 24.97 26.75
CA GLU A 51 -21.78 25.32 27.02
C GLU A 51 -22.60 24.09 27.36
N HIS A 52 -22.28 22.93 26.78
CA HIS A 52 -23.11 21.74 26.92
C HIS A 52 -22.51 20.68 27.85
N LEU A 53 -21.57 21.06 28.73
CA LEU A 53 -21.00 20.10 29.68
C LEU A 53 -22.07 19.48 30.56
N GLY A 54 -23.17 20.20 30.79
CA GLY A 54 -24.29 19.60 31.51
C GLY A 54 -24.86 18.41 30.79
N LEU A 55 -24.56 18.25 29.50
CA LEU A 55 -25.04 17.09 28.76
C LEU A 55 -24.04 15.94 28.76
N CYS A 56 -22.78 16.21 29.06
CA CYS A 56 -21.79 15.13 29.18
C CYS A 56 -22.09 14.29 30.42
N GLN A 57 -22.09 12.96 30.26
CA GLN A 57 -22.42 12.05 31.34
C GLN A 57 -21.19 11.34 31.91
N ALA A 58 -19.99 11.79 31.57
CA ALA A 58 -18.79 11.25 32.19
C ALA A 58 -18.80 11.47 33.70
N SER A 59 -18.09 10.61 34.43
CA SER A 59 -17.84 10.87 35.84
C SER A 59 -16.76 11.93 36.07
N ALA A 60 -15.87 12.17 35.10
CA ALA A 60 -14.87 13.24 35.26
C ALA A 60 -14.46 13.76 33.90
N VAL A 61 -14.09 15.04 33.86
CA VAL A 61 -13.61 15.68 32.64
C VAL A 61 -12.25 16.30 32.91
N VAL A 62 -11.27 15.92 32.10
CA VAL A 62 -9.97 16.57 32.07
C VAL A 62 -10.11 17.88 31.29
N MET A 63 -9.72 19.00 31.92
CA MET A 63 -9.86 20.31 31.29
C MET A 63 -8.78 21.26 31.81
N THR A 64 -8.78 22.50 31.30
CA THR A 64 -7.84 23.53 31.75
C THR A 64 -8.44 24.33 32.90
N GLN A 65 -7.64 25.25 33.46
CA GLN A 65 -8.15 26.14 34.50
C GLN A 65 -9.29 27.01 33.97
N ASP A 66 -9.11 27.59 32.76
CA ASP A 66 -10.16 28.43 32.18
C ASP A 66 -11.46 27.68 31.94
N ASP A 67 -11.41 26.36 31.74
CA ASP A 67 -12.65 25.61 31.58
C ASP A 67 -13.38 25.41 32.89
N LEU A 68 -12.66 25.42 34.01
CA LEU A 68 -13.23 24.97 35.28
C LEU A 68 -14.55 25.63 35.65
N PRO A 69 -14.77 26.92 35.40
CA PRO A 69 -16.06 27.53 35.77
C PRO A 69 -17.25 26.92 35.04
N PHE A 70 -17.03 26.30 33.89
CA PHE A 70 -18.09 25.66 33.13
C PHE A 70 -18.31 24.21 33.51
N ALA A 71 -17.48 23.67 34.40
CA ALA A 71 -17.58 22.26 34.77
C ALA A 71 -18.95 21.92 35.35
N LYS A 72 -19.43 20.72 35.02
CA LYS A 72 -20.70 20.19 35.52
C LYS A 72 -20.51 18.80 36.09
N SER A 73 -19.28 18.49 36.49
CA SER A 73 -18.86 17.19 36.98
C SER A 73 -17.54 17.41 37.72
N ALA A 74 -17.07 16.37 38.41
CA ALA A 74 -15.68 16.33 38.83
C ALA A 74 -14.77 16.64 37.64
N ALA A 75 -13.70 17.38 37.93
CA ALA A 75 -12.80 17.84 36.89
C ALA A 75 -11.36 17.64 37.34
N LEU A 76 -10.51 17.24 36.40
CA LEU A 76 -9.07 17.27 36.59
C LEU A 76 -8.50 18.41 35.77
N VAL A 77 -7.88 19.38 36.44
CA VAL A 77 -7.34 20.55 35.77
C VAL A 77 -5.87 20.29 35.47
N VAL A 78 -5.48 20.54 34.22
CA VAL A 78 -4.12 20.33 33.76
C VAL A 78 -3.78 21.42 32.77
N LYS A 79 -2.48 21.57 32.49
CA LYS A 79 -2.08 22.49 31.44
C LYS A 79 -2.44 21.96 30.05
N ASN A 80 -2.38 20.64 29.84
CA ASN A 80 -2.45 20.06 28.50
C ASN A 80 -3.40 18.87 28.53
N PRO A 81 -4.70 19.11 28.33
CA PRO A 81 -5.67 18.00 28.40
C PRO A 81 -5.40 16.88 27.39
N TYR A 82 -4.88 17.20 26.20
CA TYR A 82 -4.67 16.14 25.21
C TYR A 82 -3.56 15.21 25.63
N LEU A 83 -2.46 15.77 26.12
CA LEU A 83 -1.37 14.95 26.63
C LEU A 83 -1.82 14.18 27.86
N THR A 84 -2.61 14.81 28.74
CA THR A 84 -3.12 14.09 29.90
C THR A 84 -4.02 12.93 29.45
N TYR A 85 -4.81 13.17 28.42
CA TYR A 85 -5.66 12.11 27.86
C TYR A 85 -4.81 10.94 27.37
N ALA A 86 -3.71 11.23 26.66
CA ALA A 86 -2.85 10.13 26.24
C ALA A 86 -2.38 9.33 27.45
N ARG A 87 -1.96 10.00 28.52
CA ARG A 87 -1.46 9.28 29.69
C ARG A 87 -2.55 8.51 30.39
N MET A 88 -3.75 9.09 30.52
CA MET A 88 -4.79 8.36 31.24
C MET A 88 -5.33 7.21 30.40
N ALA A 89 -5.31 7.34 29.08
CA ALA A 89 -5.70 6.22 28.23
C ALA A 89 -4.70 5.07 28.35
N GLN A 90 -3.41 5.36 28.58
CA GLN A 90 -2.47 4.26 28.80
C GLN A 90 -2.73 3.57 30.13
N ILE A 91 -3.03 4.33 31.18
CA ILE A 91 -3.34 3.73 32.47
C ILE A 91 -4.56 2.85 32.36
N LEU A 92 -5.55 3.28 31.58
CA LEU A 92 -6.83 2.59 31.43
C LEU A 92 -6.93 1.77 30.15
N ASP A 93 -5.80 1.34 29.60
CA ASP A 93 -5.79 0.72 28.28
C ASP A 93 -6.43 -0.67 28.34
N THR A 94 -7.31 -0.96 27.39
CA THR A 94 -7.98 -2.25 27.28
C THR A 94 -7.43 -3.11 26.16
N THR A 95 -6.47 -2.58 25.41
CA THR A 95 -5.92 -3.33 24.28
C THR A 95 -5.28 -4.62 24.77
N PRO A 96 -5.59 -5.76 24.17
CA PRO A 96 -4.93 -7.01 24.57
C PRO A 96 -3.53 -7.11 23.99
N GLN A 97 -2.82 -8.12 24.45
CA GLN A 97 -1.48 -8.35 23.89
C GLN A 97 -1.58 -9.21 22.65
N PRO A 98 -0.63 -9.07 21.72
CA PRO A 98 -0.62 -9.96 20.53
C PRO A 98 -0.51 -11.44 20.86
N ALA A 99 0.14 -11.79 21.98
CA ALA A 99 0.28 -13.20 22.33
C ALA A 99 0.56 -13.27 23.82
N GLN A 100 0.24 -14.43 24.40
CA GLN A 100 0.56 -14.76 25.78
C GLN A 100 1.17 -16.15 25.80
N ASN A 101 2.35 -16.27 26.40
CA ASN A 101 3.12 -17.52 26.44
C ASN A 101 3.69 -17.93 25.08
N ILE A 102 4.24 -19.14 24.97
CA ILE A 102 4.80 -19.62 23.70
C ILE A 102 3.87 -20.69 23.13
N ALA A 103 3.25 -20.36 22.00
CA ALA A 103 2.27 -21.23 21.38
C ALA A 103 2.91 -22.55 20.91
N PRO A 104 2.27 -23.69 21.18
CA PRO A 104 2.84 -24.95 20.69
C PRO A 104 2.87 -25.06 19.16
N SER A 105 2.04 -24.31 18.43
CA SER A 105 2.12 -24.30 16.97
C SER A 105 3.16 -23.32 16.43
N ALA A 106 3.78 -22.51 17.27
CA ALA A 106 4.86 -21.67 16.78
C ALA A 106 6.04 -22.57 16.39
N VAL A 107 6.81 -22.13 15.40
CA VAL A 107 7.94 -22.90 14.93
C VAL A 107 9.18 -22.04 15.18
N ILE A 108 9.99 -22.46 16.15
CA ILE A 108 11.06 -21.64 16.72
C ILE A 108 12.37 -22.38 16.58
N ASP A 109 13.28 -21.82 15.80
CA ASP A 109 14.56 -22.49 15.58
C ASP A 109 15.27 -22.72 16.91
N ALA A 110 15.90 -23.88 17.04
CA ALA A 110 16.58 -24.24 18.29
C ALA A 110 17.66 -23.24 18.67
N THR A 111 18.18 -22.44 17.74
CA THR A 111 19.23 -21.49 18.08
C THR A 111 18.70 -20.10 18.46
N ALA A 112 17.40 -19.85 18.35
CA ALA A 112 16.85 -18.59 18.81
C ALA A 112 17.04 -18.42 20.32
N LYS A 113 17.34 -17.19 20.73
CA LYS A 113 17.51 -16.83 22.15
C LYS A 113 16.32 -15.97 22.58
N LEU A 114 15.62 -16.41 23.61
CA LEU A 114 14.48 -15.70 24.16
C LEU A 114 14.78 -15.24 25.58
N GLY A 115 14.48 -13.96 25.86
CA GLY A 115 14.59 -13.44 27.21
C GLY A 115 13.46 -13.87 28.12
N ASN A 116 13.34 -13.16 29.24
CA ASN A 116 12.30 -13.43 30.21
C ASN A 116 10.96 -12.89 29.73
N ASN A 117 9.88 -13.64 29.98
CA ASN A 117 8.53 -13.12 29.77
C ASN A 117 8.32 -12.76 28.28
N VAL A 118 8.85 -13.60 27.38
CA VAL A 118 8.62 -13.48 25.95
C VAL A 118 7.38 -14.28 25.59
N SER A 119 6.55 -13.75 24.70
CA SER A 119 5.37 -14.47 24.23
C SER A 119 5.46 -14.59 22.73
N ILE A 120 5.04 -15.74 22.22
CA ILE A 120 5.12 -16.03 20.80
C ILE A 120 3.79 -16.64 20.40
N GLY A 121 3.13 -16.03 19.46
CA GLY A 121 1.78 -16.40 19.09
C GLY A 121 1.73 -17.60 18.16
N ALA A 122 0.51 -18.11 17.99
CA ALA A 122 0.29 -19.33 17.23
C ALA A 122 0.80 -19.19 15.81
N ASN A 123 1.46 -20.25 15.32
CA ASN A 123 1.99 -20.36 13.97
C ASN A 123 3.01 -19.28 13.58
N ALA A 124 3.52 -18.51 14.54
CA ALA A 124 4.67 -17.66 14.26
C ALA A 124 5.87 -18.54 13.92
N VAL A 125 6.81 -17.98 13.16
CA VAL A 125 7.97 -18.70 12.68
C VAL A 125 9.20 -17.86 13.02
N ILE A 126 10.07 -18.41 13.85
CA ILE A 126 11.28 -17.74 14.31
C ILE A 126 12.48 -18.49 13.74
N GLU A 127 13.28 -17.77 12.94
CA GLU A 127 14.41 -18.36 12.24
C GLU A 127 15.64 -18.56 13.15
N SER A 128 16.65 -19.21 12.59
CA SER A 128 17.89 -19.44 13.31
C SER A 128 18.57 -18.12 13.66
N GLY A 129 19.30 -18.10 14.79
CA GLY A 129 20.08 -16.94 15.18
C GLY A 129 19.30 -15.76 15.75
N VAL A 130 17.96 -15.83 15.80
CA VAL A 130 17.16 -14.70 16.25
C VAL A 130 17.37 -14.48 17.75
N GLU A 131 17.36 -13.22 18.17
CA GLU A 131 17.41 -12.86 19.57
C GLU A 131 16.19 -12.01 19.89
N LEU A 132 15.41 -12.44 20.88
CA LEU A 132 14.24 -11.70 21.34
C LEU A 132 14.49 -11.28 22.79
N GLY A 133 14.42 -9.96 23.05
CA GLY A 133 14.65 -9.43 24.37
C GLY A 133 13.53 -9.70 25.37
N ASP A 134 13.81 -9.35 26.64
CA ASP A 134 12.85 -9.49 27.72
C ASP A 134 11.54 -8.81 27.34
N ASN A 135 10.43 -9.46 27.68
CA ASN A 135 9.08 -8.93 27.51
C ASN A 135 8.70 -8.71 26.04
N VAL A 136 9.48 -9.22 25.08
CA VAL A 136 9.08 -9.13 23.68
C VAL A 136 7.87 -10.02 23.39
N ILE A 137 6.99 -9.54 22.53
CA ILE A 137 5.79 -10.29 22.17
C ILE A 137 5.73 -10.36 20.67
N ILE A 138 5.67 -11.57 20.12
CA ILE A 138 5.57 -11.81 18.68
C ILE A 138 4.17 -12.32 18.39
N GLY A 139 3.42 -11.62 17.53
CA GLY A 139 2.04 -12.00 17.25
C GLY A 139 1.93 -13.29 16.44
N ALA A 140 0.71 -13.80 16.38
CA ALA A 140 0.42 -14.98 15.58
C ALA A 140 0.83 -14.79 14.13
N GLY A 141 1.36 -15.85 13.52
CA GLY A 141 1.65 -15.85 12.10
C GLY A 141 2.80 -14.95 11.66
N CYS A 142 3.57 -14.38 12.58
CA CYS A 142 4.70 -13.56 12.17
C CYS A 142 5.82 -14.43 11.61
N PHE A 143 6.74 -13.78 10.89
CA PHE A 143 7.98 -14.39 10.45
C PHE A 143 9.10 -13.47 10.90
N VAL A 144 10.12 -14.01 11.58
CA VAL A 144 11.29 -13.23 11.96
C VAL A 144 12.52 -13.96 11.40
N GLY A 145 13.23 -13.30 10.47
CA GLY A 145 14.25 -13.95 9.66
C GLY A 145 15.59 -14.09 10.39
N LYS A 146 16.52 -14.75 9.72
CA LYS A 146 17.74 -15.22 10.38
C LYS A 146 18.52 -14.07 11.01
N ASN A 147 18.98 -14.29 12.24
CA ASN A 147 19.90 -13.42 12.96
C ASN A 147 19.31 -12.06 13.29
N SER A 148 18.01 -11.86 13.12
CA SER A 148 17.43 -10.59 13.51
C SER A 148 17.32 -10.49 15.02
N LYS A 149 17.38 -9.27 15.51
CA LYS A 149 17.38 -9.01 16.93
C LYS A 149 16.28 -8.01 17.23
N ILE A 150 15.47 -8.32 18.23
CA ILE A 150 14.37 -7.47 18.64
C ILE A 150 14.54 -7.17 20.12
N GLY A 151 14.63 -5.89 20.45
CA GLY A 151 15.00 -5.53 21.82
C GLY A 151 13.85 -5.54 22.79
N ALA A 152 14.20 -5.43 24.08
CA ALA A 152 13.24 -5.71 25.13
C ALA A 152 11.99 -4.84 25.01
N GLY A 153 10.84 -5.41 25.37
CA GLY A 153 9.60 -4.66 25.39
C GLY A 153 8.96 -4.44 24.01
N SER A 154 9.63 -4.80 22.93
CA SER A 154 9.04 -4.56 21.62
C SER A 154 7.97 -5.61 21.30
N ARG A 155 6.99 -5.22 20.48
CA ARG A 155 5.86 -6.08 20.19
C ARG A 155 5.50 -5.99 18.72
N LEU A 156 5.25 -7.16 18.12
CA LEU A 156 4.75 -7.31 16.77
C LEU A 156 3.33 -7.84 16.84
N TRP A 157 2.40 -7.19 16.14
CA TRP A 157 1.06 -7.76 16.05
C TRP A 157 1.09 -8.95 15.09
N ALA A 158 -0.08 -9.52 14.79
CA ALA A 158 -0.11 -10.71 13.96
C ALA A 158 0.38 -10.42 12.55
N ASN A 159 0.97 -11.44 11.93
CA ASN A 159 1.27 -11.44 10.49
C ASN A 159 2.20 -10.28 10.09
N VAL A 160 3.20 -10.00 10.94
CA VAL A 160 4.29 -9.09 10.61
C VAL A 160 5.44 -9.91 10.06
N THR A 161 6.11 -9.38 9.04
CA THR A 161 7.29 -10.02 8.46
C THR A 161 8.53 -9.19 8.74
N ILE A 162 9.50 -9.80 9.42
CA ILE A 162 10.85 -9.26 9.62
C ILE A 162 11.80 -10.19 8.85
N TYR A 163 12.59 -9.62 7.95
CA TYR A 163 13.57 -10.39 7.20
C TYR A 163 14.79 -10.66 8.11
N HIS A 164 15.89 -11.06 7.49
CA HIS A 164 17.13 -11.43 8.17
C HIS A 164 17.98 -10.19 8.49
N GLU A 165 18.82 -10.32 9.52
CA GLU A 165 19.81 -9.33 9.91
C GLU A 165 19.19 -7.98 10.25
N ILE A 166 17.94 -7.99 10.70
CA ILE A 166 17.30 -6.74 11.08
C ILE A 166 17.54 -6.47 12.55
N GLN A 167 17.70 -5.22 12.91
CA GLN A 167 17.86 -4.85 14.32
C GLN A 167 16.76 -3.90 14.70
N ILE A 168 16.01 -4.26 15.73
CA ILE A 168 14.91 -3.46 16.26
C ILE A 168 15.21 -3.20 17.72
N GLY A 169 15.03 -1.95 18.17
CA GLY A 169 15.33 -1.55 19.53
C GLY A 169 14.27 -1.94 20.54
N GLN A 170 14.22 -1.20 21.66
CA GLN A 170 13.31 -1.50 22.76
C GLN A 170 12.00 -0.73 22.64
N ASN A 171 10.95 -1.33 23.18
CA ASN A 171 9.65 -0.70 23.30
C ASN A 171 9.08 -0.24 21.94
N CYS A 172 9.40 -0.97 20.88
CA CYS A 172 8.79 -0.69 19.58
C CYS A 172 7.46 -1.41 19.45
N LEU A 173 6.64 -0.95 18.49
CA LEU A 173 5.36 -1.60 18.20
C LEU A 173 5.15 -1.60 16.70
N ILE A 174 4.91 -2.76 16.11
CA ILE A 174 4.74 -2.88 14.66
C ILE A 174 3.39 -3.53 14.39
N GLN A 175 2.56 -2.86 13.60
CA GLN A 175 1.23 -3.36 13.31
C GLN A 175 1.26 -4.39 12.17
N SER A 176 0.16 -5.14 12.04
CA SER A 176 0.07 -6.28 11.15
C SER A 176 0.29 -5.92 9.69
N GLY A 177 0.80 -6.89 8.95
CA GLY A 177 0.97 -6.72 7.52
C GLY A 177 2.23 -5.97 7.14
N THR A 178 2.95 -5.43 8.10
CA THR A 178 4.15 -4.66 7.81
C THR A 178 5.31 -5.60 7.47
N VAL A 179 6.17 -5.14 6.58
CA VAL A 179 7.31 -5.92 6.12
C VAL A 179 8.55 -5.08 6.34
N VAL A 180 9.48 -5.57 7.17
CA VAL A 180 10.73 -4.86 7.42
C VAL A 180 11.89 -5.66 6.87
N GLY A 181 12.67 -5.05 5.97
CA GLY A 181 13.87 -5.69 5.49
C GLY A 181 13.76 -6.39 4.14
N ALA A 182 12.72 -6.14 3.35
CA ALA A 182 12.70 -6.67 2.00
C ALA A 182 13.82 -6.04 1.16
N ASP A 183 14.13 -6.68 0.02
CA ASP A 183 15.18 -6.11 -0.85
C ASP A 183 14.83 -4.71 -1.27
N GLY A 184 15.81 -3.80 -1.17
CA GLY A 184 15.70 -2.55 -1.89
C GLY A 184 15.57 -2.77 -3.39
N PHE A 185 15.08 -1.74 -4.06
CA PHE A 185 14.80 -1.84 -5.49
C PHE A 185 16.08 -1.52 -6.27
N GLY A 186 17.04 -2.44 -6.19
CA GLY A 186 18.37 -2.21 -6.78
C GLY A 186 18.72 -3.15 -7.92
N TYR A 187 19.02 -2.56 -9.08
CA TYR A 187 19.29 -3.30 -10.32
C TYR A 187 20.29 -2.52 -11.15
N ALA A 188 21.24 -3.24 -11.74
CA ALA A 188 22.02 -2.71 -12.84
C ALA A 188 21.28 -3.03 -14.13
N ASN A 189 21.80 -2.59 -15.26
CA ASN A 189 21.09 -2.77 -16.52
C ASN A 189 22.11 -3.21 -17.55
N ASP A 190 21.90 -4.37 -18.15
CA ASP A 190 22.81 -4.97 -19.12
C ASP A 190 22.03 -5.04 -20.43
N ARG A 191 22.22 -4.03 -21.28
CA ARG A 191 21.59 -4.00 -22.61
C ARG A 191 20.08 -4.13 -22.51
N GLY A 192 19.47 -3.44 -21.55
CA GLY A 192 18.03 -3.48 -21.37
C GLY A 192 17.54 -4.54 -20.41
N ASN A 193 18.38 -5.51 -20.03
CA ASN A 193 18.00 -6.51 -19.04
C ASN A 193 18.39 -6.04 -17.65
N TRP A 194 17.45 -6.13 -16.71
CA TRP A 194 17.73 -5.78 -15.34
C TRP A 194 18.57 -6.85 -14.69
N VAL A 195 19.59 -6.45 -13.93
CA VAL A 195 20.52 -7.37 -13.28
C VAL A 195 20.41 -7.12 -11.79
N LYS A 196 19.91 -8.08 -11.03
CA LYS A 196 19.66 -7.81 -9.62
C LYS A 196 20.95 -7.45 -8.89
N ILE A 197 20.87 -6.42 -8.06
CA ILE A 197 21.90 -6.13 -7.08
C ILE A 197 21.43 -6.69 -5.74
N PRO A 198 22.00 -7.79 -5.26
CA PRO A 198 21.67 -8.27 -3.91
C PRO A 198 21.75 -7.12 -2.91
N GLN A 199 20.77 -7.07 -2.00
CA GLN A 199 20.67 -5.96 -1.05
C GLN A 199 21.11 -6.54 0.28
N ILE A 200 22.40 -6.35 0.59
CA ILE A 200 23.01 -7.01 1.74
C ILE A 200 23.25 -6.07 2.89
N GLY A 201 22.80 -4.81 2.78
CA GLY A 201 22.65 -3.99 3.97
C GLY A 201 21.46 -4.49 4.82
N ARG A 202 21.14 -3.70 5.83
CA ARG A 202 20.12 -4.10 6.81
C ARG A 202 19.10 -3.00 7.03
N VAL A 203 18.22 -3.20 8.02
CA VAL A 203 17.44 -2.13 8.61
C VAL A 203 17.80 -2.06 10.08
N ILE A 204 18.09 -0.86 10.56
CA ILE A 204 18.29 -0.57 11.97
C ILE A 204 17.16 0.34 12.43
N ILE A 205 16.34 -0.16 13.33
CA ILE A 205 15.23 0.57 13.93
C ILE A 205 15.58 0.85 15.38
N GLY A 206 15.41 2.11 15.79
CA GLY A 206 15.79 2.54 17.13
C GLY A 206 14.81 2.09 18.20
N ASP A 207 14.82 2.83 19.32
CA ASP A 207 13.92 2.54 20.42
C ASP A 207 12.63 3.33 20.28
N ARG A 208 11.54 2.78 20.79
CA ARG A 208 10.26 3.47 20.87
C ARG A 208 9.75 3.87 19.48
N VAL A 209 9.97 3.01 18.51
CA VAL A 209 9.49 3.29 17.16
C VAL A 209 8.15 2.59 16.99
N GLU A 210 7.18 3.28 16.40
CA GLU A 210 5.90 2.65 16.08
C GLU A 210 5.69 2.66 14.58
N ILE A 211 5.31 1.50 14.03
CA ILE A 211 5.13 1.37 12.58
C ILE A 211 3.73 0.82 12.34
N GLY A 212 3.01 1.45 11.42
CA GLY A 212 1.63 1.11 11.12
C GLY A 212 1.51 -0.13 10.26
N ALA A 213 0.30 -0.35 9.79
CA ALA A 213 -0.02 -1.59 9.09
C ALA A 213 0.30 -1.52 7.61
N CYS A 214 0.76 -2.66 7.05
CA CYS A 214 1.08 -2.77 5.62
C CYS A 214 2.06 -1.66 5.18
N THR A 215 2.96 -1.31 6.07
CA THR A 215 4.09 -0.44 5.71
C THR A 215 5.28 -1.32 5.32
N THR A 216 6.12 -0.82 4.41
CA THR A 216 7.26 -1.60 3.97
C THR A 216 8.51 -0.75 4.15
N ILE A 217 9.53 -1.34 4.77
CA ILE A 217 10.81 -0.67 5.03
C ILE A 217 11.88 -1.59 4.47
N ASP A 218 12.53 -1.18 3.39
CA ASP A 218 13.48 -2.05 2.70
C ASP A 218 14.87 -2.00 3.35
N ARG A 219 15.57 -3.13 3.31
CA ARG A 219 16.97 -3.18 3.73
C ARG A 219 17.86 -2.37 2.76
N GLY A 220 19.03 -1.97 3.24
CA GLY A 220 19.92 -1.17 2.40
C GLY A 220 20.72 -2.04 1.45
N ALA A 221 21.32 -1.39 0.46
CA ALA A 221 22.05 -2.14 -0.56
C ALA A 221 23.37 -2.70 -0.01
N LEU A 222 24.10 -1.89 0.75
CA LEU A 222 25.38 -2.31 1.34
C LEU A 222 25.43 -1.82 2.77
N ASP A 223 25.28 -0.53 2.97
CA ASP A 223 25.08 0.04 4.29
C ASP A 223 23.58 0.02 4.58
N ASP A 224 23.13 0.68 5.65
CA ASP A 224 21.81 0.33 6.19
C ASP A 224 20.74 1.39 6.01
N THR A 225 19.49 0.91 6.02
CA THR A 225 18.35 1.78 6.23
C THR A 225 18.23 2.02 7.72
N ILE A 226 18.02 3.27 8.15
CA ILE A 226 18.09 3.59 9.57
C ILE A 226 16.85 4.37 9.96
N ILE A 227 16.10 3.86 10.94
CA ILE A 227 14.96 4.56 11.52
C ILE A 227 15.35 5.01 12.92
N GLY A 228 15.32 6.32 13.18
CA GLY A 228 15.75 6.85 14.47
C GLY A 228 14.80 6.51 15.62
N ASN A 229 15.27 6.83 16.84
CA ASN A 229 14.45 6.60 18.02
C ASN A 229 13.21 7.48 17.99
N GLY A 230 12.11 6.95 18.53
CA GLY A 230 10.92 7.74 18.74
C GLY A 230 10.15 8.10 17.47
N VAL A 231 10.56 7.54 16.33
CA VAL A 231 9.89 7.76 15.06
C VAL A 231 8.54 7.07 15.08
N ILE A 232 7.52 7.72 14.52
CA ILE A 232 6.23 7.09 14.31
C ILE A 232 5.92 7.11 12.82
N ILE A 233 5.51 5.95 12.29
CA ILE A 233 5.22 5.77 10.86
C ILE A 233 3.83 5.14 10.76
N ASP A 234 2.96 5.70 9.91
CA ASP A 234 1.55 5.30 9.80
C ASP A 234 1.46 4.13 8.80
N ASN A 235 0.25 3.77 8.39
CA ASN A 235 0.01 2.65 7.48
C ASN A 235 0.44 2.96 6.04
N GLN A 236 0.68 1.88 5.27
CA GLN A 236 0.85 1.95 3.82
C GLN A 236 2.03 2.86 3.42
N CYS A 237 3.04 3.00 4.26
CA CYS A 237 4.19 3.80 3.87
C CYS A 237 5.23 2.90 3.19
N GLN A 238 6.03 3.51 2.29
CA GLN A 238 7.17 2.85 1.68
C GLN A 238 8.42 3.61 2.06
N ILE A 239 9.34 2.91 2.70
CA ILE A 239 10.64 3.50 3.05
C ILE A 239 11.68 2.70 2.29
N ALA A 240 12.29 3.33 1.29
CA ALA A 240 13.16 2.64 0.35
C ALA A 240 14.51 2.32 0.98
N HIS A 241 15.33 1.57 0.25
CA HIS A 241 16.65 1.22 0.76
C HIS A 241 17.50 2.46 1.05
N ASN A 242 18.23 2.38 2.17
CA ASN A 242 19.20 3.39 2.60
C ASN A 242 18.57 4.74 2.91
N VAL A 243 17.27 4.77 3.17
CA VAL A 243 16.68 5.96 3.78
C VAL A 243 17.17 6.04 5.21
N VAL A 244 17.34 7.28 5.72
CA VAL A 244 17.68 7.52 7.11
C VAL A 244 16.68 8.53 7.67
N ILE A 245 16.02 8.18 8.77
CA ILE A 245 15.01 9.04 9.38
C ILE A 245 15.44 9.42 10.78
N GLY A 246 15.52 10.73 11.03
CA GLY A 246 15.99 11.22 12.31
C GLY A 246 14.98 11.06 13.43
N ASP A 247 15.48 11.14 14.66
CA ASP A 247 14.68 10.84 15.84
C ASP A 247 13.43 11.69 15.91
N ASN A 248 12.34 11.08 16.36
CA ASN A 248 11.07 11.73 16.69
C ASN A 248 10.34 12.27 15.48
N THR A 249 10.79 11.93 14.27
CA THR A 249 10.04 12.30 13.08
C THR A 249 8.77 11.46 12.95
N ALA A 250 7.71 12.08 12.46
CA ALA A 250 6.43 11.43 12.23
C ALA A 250 6.15 11.41 10.74
N VAL A 251 5.65 10.26 10.27
CA VAL A 251 5.36 10.01 8.85
C VAL A 251 3.93 9.52 8.80
N ALA A 252 3.02 10.30 8.22
CA ALA A 252 1.61 9.93 8.16
C ALA A 252 1.35 8.95 7.01
N GLY A 253 0.10 8.49 6.90
CA GLY A 253 -0.18 7.30 6.08
C GLY A 253 0.10 7.48 4.59
N GLY A 254 0.58 6.40 3.96
CA GLY A 254 0.68 6.38 2.49
C GLY A 254 1.81 7.22 1.92
N VAL A 255 2.77 7.60 2.73
CA VAL A 255 3.93 8.35 2.24
C VAL A 255 4.87 7.37 1.53
N ILE A 256 5.40 7.79 0.38
CA ILE A 256 6.33 6.99 -0.39
C ILE A 256 7.65 7.75 -0.39
N MET A 257 8.72 7.10 0.07
CA MET A 257 10.05 7.71 0.11
C MET A 257 11.02 6.93 -0.77
N ALA A 258 11.82 7.65 -1.54
CA ALA A 258 12.74 6.99 -2.46
C ALA A 258 14.10 6.77 -1.81
N GLY A 259 14.96 6.07 -2.54
CA GLY A 259 16.20 5.59 -1.95
C GLY A 259 17.14 6.72 -1.58
N SER A 260 17.86 6.51 -0.48
CA SER A 260 18.92 7.37 0.00
C SER A 260 18.43 8.77 0.43
N LEU A 261 17.14 8.91 0.68
CA LEU A 261 16.64 10.11 1.32
C LEU A 261 17.14 10.17 2.77
N LYS A 262 17.55 11.35 3.21
CA LYS A 262 17.82 11.57 4.62
C LYS A 262 16.83 12.60 5.13
N ILE A 263 16.10 12.24 6.18
CA ILE A 263 15.17 13.14 6.83
C ILE A 263 15.71 13.42 8.21
N GLY A 264 15.68 14.68 8.62
CA GLY A 264 16.16 15.11 9.91
C GLY A 264 15.24 14.71 11.08
N ARG A 265 15.55 15.30 12.24
CA ARG A 265 14.79 15.08 13.47
C ARG A 265 13.57 15.99 13.51
N TYR A 266 12.54 15.52 14.22
CA TYR A 266 11.37 16.34 14.50
C TYR A 266 10.70 16.81 13.24
N CYS A 267 10.79 16.02 12.18
CA CYS A 267 10.03 16.36 11.00
C CYS A 267 8.63 15.77 11.08
N MET A 268 7.73 16.31 10.25
CA MET A 268 6.35 15.87 10.14
C MET A 268 6.03 15.72 8.66
N ILE A 269 5.85 14.49 8.17
CA ILE A 269 5.61 14.27 6.74
C ILE A 269 4.14 13.89 6.57
N GLY A 270 3.39 14.79 5.90
CA GLY A 270 1.95 14.61 5.78
C GLY A 270 1.55 13.45 4.88
N GLY A 271 0.32 12.99 5.09
CA GLY A 271 -0.13 11.78 4.42
C GLY A 271 -0.04 11.88 2.90
N ALA A 272 0.31 10.77 2.27
CA ALA A 272 0.31 10.61 0.82
C ALA A 272 1.35 11.50 0.15
N SER A 273 2.29 12.05 0.90
CA SER A 273 3.37 12.78 0.28
C SER A 273 4.28 11.83 -0.48
N VAL A 274 5.09 12.40 -1.36
CA VAL A 274 6.01 11.63 -2.18
C VAL A 274 7.35 12.33 -2.07
N ILE A 275 8.35 11.65 -1.53
CA ILE A 275 9.62 12.29 -1.24
C ILE A 275 10.72 11.62 -2.05
N ASN A 276 11.33 12.38 -2.94
CA ASN A 276 12.38 11.82 -3.79
C ASN A 276 13.66 11.61 -3.00
N GLY A 277 14.59 10.88 -3.60
CA GLY A 277 15.75 10.39 -2.90
C GLY A 277 17.03 11.12 -3.24
N HIS A 278 18.13 10.56 -2.71
CA HIS A 278 19.46 11.14 -2.83
C HIS A 278 19.44 12.61 -2.49
N MET A 279 18.75 12.94 -1.40
CA MET A 279 18.71 14.33 -0.96
C MET A 279 18.39 14.34 0.52
N GLU A 280 18.45 15.54 1.11
CA GLU A 280 18.30 15.68 2.55
C GLU A 280 17.21 16.69 2.89
N ILE A 281 16.48 16.38 3.95
CA ILE A 281 15.51 17.29 4.57
C ILE A 281 16.03 17.58 5.96
N CYS A 282 16.21 18.87 6.27
CA CYS A 282 16.78 19.25 7.56
C CYS A 282 15.80 19.01 8.70
N ASP A 283 16.26 19.27 9.93
CA ASP A 283 15.36 19.11 11.09
C ASP A 283 14.19 20.07 11.02
N LYS A 284 13.08 19.67 11.65
CA LYS A 284 11.95 20.56 11.92
C LYS A 284 11.31 21.06 10.62
N VAL A 285 11.17 20.15 9.68
CA VAL A 285 10.43 20.41 8.45
C VAL A 285 9.07 19.73 8.53
N THR A 286 8.02 20.46 8.20
CA THR A 286 6.69 19.90 7.98
C THR A 286 6.37 19.95 6.51
N VAL A 287 5.93 18.83 5.95
CA VAL A 287 5.44 18.73 4.58
C VAL A 287 3.96 18.40 4.70
N THR A 288 3.10 19.27 4.17
CA THR A 288 1.69 18.98 4.33
C THR A 288 1.26 17.88 3.36
N GLY A 289 0.07 17.29 3.60
CA GLY A 289 -0.36 16.15 2.82
C GLY A 289 -0.26 16.24 1.31
N MET A 290 0.13 15.14 0.65
CA MET A 290 0.30 15.01 -0.79
C MET A 290 1.44 15.86 -1.33
N GLY A 291 2.39 16.20 -0.46
CA GLY A 291 3.49 17.05 -0.90
C GLY A 291 4.35 16.32 -1.92
N MET A 292 4.73 17.02 -2.99
CA MET A 292 5.58 16.47 -4.02
C MET A 292 6.97 17.04 -3.80
N VAL A 293 7.83 16.30 -3.11
CA VAL A 293 9.11 16.84 -2.65
C VAL A 293 10.18 16.42 -3.64
N MET A 294 10.67 17.37 -4.43
CA MET A 294 11.64 17.09 -5.46
C MET A 294 13.04 17.61 -5.14
N ARG A 295 13.16 18.54 -4.18
CA ARG A 295 14.43 19.20 -3.94
C ARG A 295 14.76 19.10 -2.46
N PRO A 296 16.05 19.18 -2.11
CA PRO A 296 16.41 19.20 -0.68
C PRO A 296 15.73 20.36 0.03
N ILE A 297 15.48 20.18 1.33
CA ILE A 297 14.88 21.21 2.16
C ILE A 297 15.92 21.59 3.20
N THR A 298 16.37 22.84 3.18
CA THR A 298 17.49 23.25 4.01
C THR A 298 17.09 24.20 5.14
N GLU A 299 15.85 24.67 5.14
CA GLU A 299 15.39 25.53 6.22
C GLU A 299 14.17 24.91 6.90
N PRO A 300 14.10 24.96 8.23
CA PRO A 300 12.90 24.47 8.92
C PRO A 300 11.68 25.29 8.48
N GLY A 301 10.49 24.70 8.69
CA GLY A 301 9.25 25.39 8.41
C GLY A 301 8.28 24.44 7.73
N VAL A 302 7.17 25.02 7.23
CA VAL A 302 6.07 24.28 6.63
C VAL A 302 6.10 24.44 5.12
N TYR A 303 5.93 23.33 4.40
CA TYR A 303 6.00 23.32 2.94
C TYR A 303 4.81 22.55 2.37
N SER A 304 4.39 22.94 1.16
CA SER A 304 3.17 22.38 0.61
C SER A 304 3.23 22.39 -0.92
N SER A 305 2.45 21.50 -1.53
CA SER A 305 2.29 21.54 -2.98
C SER A 305 0.90 21.05 -3.33
N GLY A 306 0.54 21.21 -4.59
CA GLY A 306 -0.69 20.64 -5.12
C GLY A 306 -1.74 21.69 -5.40
N ILE A 307 -2.49 21.48 -6.49
CA ILE A 307 -3.61 22.33 -6.86
C ILE A 307 -4.87 21.60 -6.38
N PRO A 308 -5.60 22.12 -5.40
CA PRO A 308 -6.67 21.31 -4.82
C PRO A 308 -7.93 21.21 -5.67
N LEU A 309 -8.87 20.44 -5.11
CA LEU A 309 -10.13 20.09 -5.74
C LEU A 309 -10.96 21.30 -6.19
N GLN A 310 -11.58 21.16 -7.34
CA GLN A 310 -12.60 22.09 -7.82
C GLN A 310 -13.75 21.28 -8.39
N PRO A 311 -14.92 21.89 -8.56
CA PRO A 311 -15.97 21.22 -9.34
C PRO A 311 -15.40 20.80 -10.68
N ASN A 312 -15.84 19.65 -11.18
CA ASN A 312 -15.25 19.12 -12.41
C ASN A 312 -15.31 20.13 -13.55
N LYS A 313 -16.44 20.83 -13.71
CA LYS A 313 -16.53 21.79 -14.81
C LYS A 313 -15.43 22.84 -14.72
N VAL A 314 -15.18 23.33 -13.50
CA VAL A 314 -14.15 24.33 -13.28
C VAL A 314 -12.77 23.72 -13.49
N TRP A 315 -12.56 22.50 -12.97
CA TRP A 315 -11.25 21.87 -13.09
C TRP A 315 -10.86 21.71 -14.54
N ARG A 316 -11.81 21.35 -15.41
CA ARG A 316 -11.45 21.15 -16.80
C ARG A 316 -10.81 22.40 -17.36
N LYS A 317 -11.38 23.56 -17.03
CA LYS A 317 -10.83 24.82 -17.52
C LYS A 317 -9.49 25.13 -16.85
N THR A 318 -9.40 24.92 -15.53
CA THR A 318 -8.14 25.17 -14.83
C THR A 318 -7.01 24.36 -15.44
N ALA A 319 -7.27 23.07 -15.65
CA ALA A 319 -6.21 22.18 -16.10
C ALA A 319 -5.79 22.52 -17.51
N ALA A 320 -6.75 22.83 -18.39
CA ALA A 320 -6.41 23.18 -19.76
C ALA A 320 -5.56 24.44 -19.80
N LEU A 321 -5.91 25.44 -18.98
CA LEU A 321 -5.18 26.71 -18.99
C LEU A 321 -3.78 26.54 -18.42
N VAL A 322 -3.64 25.74 -17.37
CA VAL A 322 -2.32 25.52 -16.79
C VAL A 322 -1.44 24.79 -17.77
N MET A 323 -2.00 23.78 -18.46
CA MET A 323 -1.20 23.03 -19.43
C MET A 323 -0.73 23.92 -20.57
N ASN A 324 -1.48 24.98 -20.87
CA ASN A 324 -1.09 25.94 -21.88
C ASN A 324 -0.47 27.20 -21.28
N ILE A 325 0.05 27.15 -20.06
CA ILE A 325 0.52 28.38 -19.43
C ILE A 325 1.73 28.99 -20.13
N ASP A 326 2.50 28.19 -20.87
CA ASP A 326 3.61 28.79 -21.63
C ASP A 326 3.08 29.76 -22.68
N ASP A 327 2.00 29.38 -23.36
CA ASP A 327 1.38 30.29 -24.31
C ASP A 327 0.87 31.54 -23.61
N MET A 328 0.30 31.40 -22.42
CA MET A 328 -0.12 32.60 -21.69
C MET A 328 1.07 33.49 -21.41
N SER A 329 2.17 32.88 -20.97
CA SER A 329 3.39 33.62 -20.67
C SER A 329 3.90 34.37 -21.91
N LYS A 330 3.94 33.69 -23.05
CA LYS A 330 4.39 34.36 -24.26
C LYS A 330 3.46 35.50 -24.64
N ARG A 331 2.14 35.31 -24.46
CA ARG A 331 1.20 36.35 -24.84
C ARG A 331 1.35 37.56 -23.92
N LEU A 332 1.59 37.32 -22.64
CA LEU A 332 1.85 38.42 -21.71
C LEU A 332 3.13 39.16 -22.10
N LYS A 333 4.18 38.42 -22.46
CA LYS A 333 5.44 39.05 -22.89
C LYS A 333 5.22 39.91 -24.13
N SER A 334 4.52 39.36 -25.11
CA SER A 334 4.28 40.09 -26.35
C SER A 334 3.49 41.36 -26.08
N LEU A 335 2.49 41.26 -25.19
CA LEU A 335 1.69 42.41 -24.83
C LEU A 335 2.53 43.47 -24.13
N GLU A 336 3.44 43.05 -23.24
CA GLU A 336 4.33 44.02 -22.60
C GLU A 336 5.17 44.76 -23.63
N ARG A 337 5.68 44.02 -24.62
CA ARG A 337 6.48 44.63 -25.67
C ARG A 337 5.69 45.65 -26.47
N LYS A 338 4.43 45.30 -26.81
CA LYS A 338 3.62 46.22 -27.61
C LYS A 338 3.26 47.47 -26.83
N VAL A 339 3.04 47.34 -25.52
CA VAL A 339 2.64 48.44 -24.67
C VAL A 339 3.85 49.31 -24.31
N GLY B 4 31.18 -19.42 -0.55
CA GLY B 4 31.27 -18.02 -0.16
C GLY B 4 32.66 -17.43 -0.49
N SER B 5 33.62 -17.57 0.42
CA SER B 5 34.95 -16.99 0.19
C SER B 5 35.53 -17.47 -1.14
N ILE B 6 36.33 -16.60 -1.75
CA ILE B 6 36.83 -16.85 -3.10
C ILE B 6 38.18 -16.16 -3.25
N ARG B 7 39.10 -16.83 -3.94
CA ARG B 7 40.39 -16.23 -4.27
C ARG B 7 40.19 -15.09 -5.26
N LEU B 8 40.94 -14.01 -5.07
CA LEU B 8 40.71 -12.83 -5.90
C LEU B 8 40.91 -13.14 -7.38
N ALA B 9 41.88 -14.00 -7.70
CA ALA B 9 42.12 -14.39 -9.09
C ALA B 9 40.90 -15.10 -9.67
N ASP B 10 40.29 -15.99 -8.89
CA ASP B 10 39.10 -16.69 -9.37
C ASP B 10 37.94 -15.71 -9.56
N LEU B 11 37.73 -14.82 -8.58
CA LEU B 11 36.68 -13.81 -8.73
C LEU B 11 36.92 -12.96 -9.97
N ALA B 12 38.18 -12.59 -10.24
CA ALA B 12 38.48 -11.79 -11.41
C ALA B 12 38.10 -12.54 -12.69
N GLN B 13 38.40 -13.84 -12.75
CA GLN B 13 38.11 -14.57 -13.98
C GLN B 13 36.61 -14.66 -14.21
N GLN B 14 35.84 -14.90 -13.15
CA GLN B 14 34.39 -14.96 -13.27
C GLN B 14 33.79 -13.62 -13.66
N LEU B 15 34.44 -12.52 -13.28
CA LEU B 15 33.96 -11.19 -13.64
C LEU B 15 34.49 -10.73 -14.99
N ASP B 16 35.39 -11.48 -15.62
CA ASP B 16 36.05 -11.04 -16.84
C ASP B 16 36.79 -9.72 -16.59
N ALA B 17 37.45 -9.63 -15.45
CA ALA B 17 38.18 -8.44 -15.02
C ALA B 17 39.68 -8.66 -15.14
N GLU B 18 40.43 -7.57 -15.32
CA GLU B 18 41.89 -7.64 -15.34
C GLU B 18 42.40 -7.48 -13.92
N LEU B 19 43.04 -8.52 -13.39
CA LEU B 19 43.61 -8.46 -12.05
C LEU B 19 44.92 -7.70 -12.05
N HIS B 20 45.04 -6.72 -11.15
CA HIS B 20 46.32 -6.11 -10.84
C HIS B 20 46.53 -6.29 -9.34
N GLY B 21 47.43 -7.17 -8.96
CA GLY B 21 47.72 -7.42 -7.56
C GLY B 21 47.69 -8.90 -7.28
N ASP B 22 47.57 -9.23 -6.00
CA ASP B 22 47.78 -10.59 -5.50
C ASP B 22 46.52 -11.43 -5.68
N GLY B 23 46.54 -12.33 -6.66
CA GLY B 23 45.38 -13.19 -6.91
C GLY B 23 45.07 -14.15 -5.79
N ASP B 24 45.98 -14.33 -4.83
CA ASP B 24 45.73 -15.24 -3.72
C ASP B 24 44.96 -14.60 -2.58
N ILE B 25 44.76 -13.29 -2.64
CA ILE B 25 43.94 -12.62 -1.63
C ILE B 25 42.58 -13.31 -1.58
N VAL B 26 42.07 -13.52 -0.37
CA VAL B 26 40.78 -14.18 -0.19
C VAL B 26 39.72 -13.12 0.06
N ILE B 27 38.70 -13.11 -0.78
CA ILE B 27 37.60 -12.16 -0.68
C ILE B 27 36.44 -12.87 0.00
N THR B 28 35.94 -12.28 1.08
CA THR B 28 34.85 -12.87 1.84
C THR B 28 33.49 -12.23 1.56
N GLY B 29 33.46 -11.01 1.01
CA GLY B 29 32.19 -10.32 0.85
C GLY B 29 32.39 -9.00 0.16
N VAL B 30 31.27 -8.39 -0.24
CA VAL B 30 31.25 -7.05 -0.82
C VAL B 30 30.89 -6.06 0.30
N ALA B 31 31.43 -4.84 0.19
CA ALA B 31 31.12 -3.76 1.12
C ALA B 31 31.20 -2.44 0.39
N SER B 32 30.54 -1.42 0.96
CA SER B 32 30.74 -0.06 0.46
C SER B 32 32.19 0.40 0.67
N MET B 33 32.57 1.42 -0.09
CA MET B 33 33.94 1.92 0.04
C MET B 33 34.21 2.40 1.47
N GLN B 34 33.23 3.08 2.07
CA GLN B 34 33.40 3.59 3.42
C GLN B 34 33.50 2.46 4.45
N SER B 35 32.75 1.39 4.28
CA SER B 35 32.68 0.34 5.29
C SER B 35 33.68 -0.80 5.08
N ALA B 36 34.30 -0.90 3.90
CA ALA B 36 35.04 -2.11 3.57
C ALA B 36 36.28 -2.27 4.45
N GLN B 37 36.50 -3.51 4.89
CA GLN B 37 37.65 -3.89 5.69
C GLN B 37 38.39 -5.03 4.99
N THR B 38 39.45 -5.51 5.64
CA THR B 38 40.20 -6.65 5.10
C THR B 38 39.26 -7.78 4.71
N GLY B 39 39.55 -8.41 3.57
CA GLY B 39 38.70 -9.46 3.05
C GLY B 39 37.53 -8.98 2.20
N HIS B 40 37.23 -7.69 2.22
CA HIS B 40 36.14 -7.18 1.38
C HIS B 40 36.64 -6.75 0.02
N ILE B 41 35.79 -6.93 -1.00
CA ILE B 41 35.95 -6.23 -2.27
C ILE B 41 34.92 -5.10 -2.32
N THR B 42 35.32 -3.97 -2.90
CA THR B 42 34.39 -2.85 -3.11
C THR B 42 34.59 -2.36 -4.53
N PHE B 43 33.98 -1.23 -4.88
CA PHE B 43 34.04 -0.74 -6.25
C PHE B 43 34.03 0.78 -6.21
N MET B 44 34.61 1.38 -7.25
CA MET B 44 34.59 2.82 -7.43
C MET B 44 33.97 3.14 -8.77
N VAL B 45 32.86 3.86 -8.74
CA VAL B 45 32.25 4.39 -9.95
C VAL B 45 32.51 5.87 -10.12
N ASN B 46 32.92 6.60 -9.08
CA ASN B 46 33.09 8.05 -9.15
C ASN B 46 34.57 8.40 -9.02
N PRO B 47 35.22 8.86 -10.09
CA PRO B 47 36.66 9.19 -10.00
C PRO B 47 36.99 10.27 -8.99
N LYS B 48 36.00 11.00 -8.47
CA LYS B 48 36.37 11.96 -7.43
C LYS B 48 36.92 11.23 -6.19
N TYR B 49 36.66 9.93 -6.06
CA TYR B 49 37.21 9.21 -4.93
C TYR B 49 38.62 8.69 -5.15
N ARG B 50 39.28 9.02 -6.28
CA ARG B 50 40.62 8.52 -6.51
C ARG B 50 41.56 8.94 -5.39
N GLU B 51 41.48 10.22 -5.01
CA GLU B 51 42.32 10.76 -3.94
C GLU B 51 41.99 10.14 -2.58
N HIS B 52 40.87 9.44 -2.47
CA HIS B 52 40.38 8.85 -1.22
C HIS B 52 40.68 7.36 -1.12
N LEU B 53 41.26 6.74 -2.15
CA LEU B 53 41.42 5.28 -2.11
C LEU B 53 42.37 4.83 -1.00
N GLY B 54 43.34 5.66 -0.62
CA GLY B 54 44.20 5.29 0.49
C GLY B 54 43.50 5.25 1.84
N LEU B 55 42.26 5.73 1.90
CA LEU B 55 41.44 5.66 3.10
C LEU B 55 40.51 4.44 3.11
N CYS B 56 40.36 3.78 1.99
CA CYS B 56 39.52 2.60 1.87
C CYS B 56 40.35 1.39 2.29
N GLN B 57 39.79 0.55 3.16
CA GLN B 57 40.58 -0.60 3.60
C GLN B 57 40.08 -1.93 3.02
N ALA B 58 39.37 -1.88 1.89
CA ALA B 58 39.04 -3.09 1.14
C ALA B 58 40.31 -3.83 0.74
N SER B 59 40.21 -5.17 0.60
CA SER B 59 41.34 -5.91 0.06
C SER B 59 41.47 -5.75 -1.45
N ALA B 60 40.40 -5.36 -2.14
CA ALA B 60 40.45 -5.15 -3.58
C ALA B 60 39.38 -4.14 -3.95
N VAL B 61 39.62 -3.41 -5.04
CA VAL B 61 38.68 -2.39 -5.53
C VAL B 61 38.46 -2.58 -7.02
N VAL B 62 37.20 -2.67 -7.44
CA VAL B 62 36.83 -2.69 -8.85
C VAL B 62 36.82 -1.26 -9.39
N MET B 63 37.48 -1.04 -10.52
CA MET B 63 37.63 0.30 -11.08
C MET B 63 37.89 0.20 -12.58
N THR B 64 38.04 1.34 -13.25
CA THR B 64 38.37 1.40 -14.67
C THR B 64 39.88 1.47 -14.90
N GLN B 65 40.24 1.32 -16.17
CA GLN B 65 41.64 1.46 -16.55
C GLN B 65 42.15 2.86 -16.22
N ASP B 66 41.31 3.88 -16.38
CA ASP B 66 41.76 5.24 -16.10
C ASP B 66 41.99 5.44 -14.60
N ASP B 67 41.31 4.67 -13.76
CA ASP B 67 41.47 4.69 -12.31
C ASP B 67 42.73 3.99 -11.83
N LEU B 68 43.24 3.03 -12.60
CA LEU B 68 44.28 2.15 -12.08
C LEU B 68 45.50 2.86 -11.49
N PRO B 69 45.99 3.97 -12.05
CA PRO B 69 47.19 4.62 -11.50
C PRO B 69 46.97 5.14 -10.10
N PHE B 70 45.72 5.32 -9.72
CA PHE B 70 45.31 5.84 -8.42
C PHE B 70 45.06 4.76 -7.38
N ALA B 71 45.19 3.47 -7.74
CA ALA B 71 44.85 2.43 -6.77
C ALA B 71 45.85 2.40 -5.61
N LYS B 72 45.33 2.03 -4.43
CA LYS B 72 46.16 1.72 -3.28
C LYS B 72 45.74 0.39 -2.69
N SER B 73 45.51 -0.57 -3.58
CA SER B 73 45.04 -1.91 -3.25
C SER B 73 45.14 -2.71 -4.53
N ALA B 74 45.04 -4.04 -4.39
CA ALA B 74 44.71 -4.88 -5.54
C ALA B 74 43.52 -4.26 -6.27
N ALA B 75 43.59 -4.26 -7.60
CA ALA B 75 42.51 -3.67 -8.38
C ALA B 75 41.99 -4.69 -9.38
N LEU B 76 40.67 -4.69 -9.60
CA LEU B 76 40.07 -5.40 -10.72
C LEU B 76 39.64 -4.36 -11.73
N VAL B 77 40.28 -4.34 -12.90
CA VAL B 77 39.98 -3.33 -13.91
C VAL B 77 38.93 -3.91 -14.86
N VAL B 78 37.86 -3.15 -15.07
CA VAL B 78 36.75 -3.54 -15.94
C VAL B 78 36.26 -2.31 -16.70
N LYS B 79 35.47 -2.57 -17.74
CA LYS B 79 34.83 -1.48 -18.47
C LYS B 79 33.71 -0.85 -17.66
N ASN B 80 32.96 -1.65 -16.89
CA ASN B 80 31.72 -1.19 -16.27
C ASN B 80 31.74 -1.61 -14.80
N PRO B 81 32.30 -0.78 -13.92
CA PRO B 81 32.36 -1.16 -12.50
C PRO B 81 30.99 -1.41 -11.87
N TYR B 82 29.96 -0.67 -12.25
CA TYR B 82 28.65 -0.83 -11.62
C TYR B 82 28.05 -2.20 -11.94
N LEU B 83 28.11 -2.59 -13.21
CA LEU B 83 27.61 -3.91 -13.59
C LEU B 83 28.46 -5.00 -12.95
N THR B 84 29.77 -4.76 -12.83
CA THR B 84 30.64 -5.74 -12.21
C THR B 84 30.31 -5.88 -10.73
N TYR B 85 30.02 -4.75 -10.07
CA TYR B 85 29.52 -4.78 -8.70
C TYR B 85 28.29 -5.66 -8.58
N ALA B 86 27.29 -5.45 -9.43
CA ALA B 86 26.10 -6.29 -9.39
C ALA B 86 26.47 -7.77 -9.50
N ARG B 87 27.35 -8.11 -10.44
CA ARG B 87 27.71 -9.52 -10.62
CA ARG B 87 27.72 -9.51 -10.63
C ARG B 87 28.47 -10.05 -9.42
N MET B 88 29.42 -9.27 -8.90
CA MET B 88 30.20 -9.81 -7.80
C MET B 88 29.37 -9.89 -6.54
N ALA B 89 28.39 -9.00 -6.39
CA ALA B 89 27.50 -9.11 -5.24
C ALA B 89 26.63 -10.35 -5.36
N GLN B 90 26.25 -10.75 -6.58
CA GLN B 90 25.56 -12.03 -6.71
C GLN B 90 26.47 -13.19 -6.35
N ILE B 91 27.71 -13.17 -6.86
CA ILE B 91 28.64 -14.25 -6.52
C ILE B 91 28.84 -14.35 -5.02
N LEU B 92 28.96 -13.21 -4.34
CA LEU B 92 29.22 -13.18 -2.90
C LEU B 92 27.96 -12.94 -2.05
N ASP B 93 26.78 -13.23 -2.58
CA ASP B 93 25.52 -12.89 -1.92
C ASP B 93 25.35 -13.61 -0.57
N THR B 94 25.09 -12.85 0.49
CA THR B 94 24.84 -13.41 1.82
C THR B 94 23.34 -13.58 2.12
N THR B 95 22.47 -13.16 1.20
CA THR B 95 21.03 -13.32 1.43
C THR B 95 20.69 -14.78 1.62
N PRO B 96 20.00 -15.15 2.69
CA PRO B 96 19.63 -16.56 2.89
C PRO B 96 18.48 -16.95 1.97
N GLN B 97 18.21 -18.27 1.94
CA GLN B 97 17.04 -18.74 1.20
C GLN B 97 15.79 -18.60 2.07
N PRO B 98 14.62 -18.42 1.45
CA PRO B 98 13.38 -18.32 2.24
C PRO B 98 13.07 -19.57 3.01
N ALA B 99 13.53 -20.73 2.54
CA ALA B 99 13.28 -21.98 3.23
C ALA B 99 14.28 -23.01 2.73
N GLN B 100 14.42 -24.08 3.50
CA GLN B 100 15.26 -25.19 3.07
C GLN B 100 14.56 -26.47 3.45
N ASN B 101 14.46 -27.40 2.50
CA ASN B 101 13.72 -28.64 2.67
C ASN B 101 12.24 -28.35 2.90
N ILE B 102 11.49 -29.33 3.39
CA ILE B 102 10.04 -29.20 3.53
C ILE B 102 9.69 -29.21 5.01
N ALA B 103 9.14 -28.11 5.46
CA ALA B 103 8.87 -27.94 6.87
C ALA B 103 7.76 -28.90 7.29
N PRO B 104 7.95 -29.63 8.39
CA PRO B 104 6.88 -30.49 8.92
C PRO B 104 5.58 -29.73 9.18
N SER B 105 5.66 -28.42 9.49
CA SER B 105 4.47 -27.61 9.76
C SER B 105 3.81 -27.06 8.50
N ALA B 106 4.43 -27.22 7.34
CA ALA B 106 3.75 -26.85 6.11
C ALA B 106 2.56 -27.78 5.90
N VAL B 107 1.52 -27.26 5.26
CA VAL B 107 0.29 -28.01 4.99
C VAL B 107 0.16 -28.09 3.48
N ILE B 108 0.39 -29.27 2.92
CA ILE B 108 0.55 -29.44 1.49
C ILE B 108 -0.44 -30.46 0.99
N ASP B 109 -1.31 -30.06 0.07
CA ASP B 109 -2.33 -30.97 -0.47
C ASP B 109 -1.65 -32.17 -1.13
N ALA B 110 -2.24 -33.35 -0.92
CA ALA B 110 -1.64 -34.55 -1.49
C ALA B 110 -1.51 -34.49 -3.01
N THR B 111 -2.34 -33.70 -3.71
CA THR B 111 -2.27 -33.64 -5.17
C THR B 111 -1.25 -32.65 -5.69
N ALA B 112 -0.58 -31.90 -4.83
CA ALA B 112 0.45 -30.96 -5.26
C ALA B 112 1.63 -31.71 -5.85
N LYS B 113 2.18 -31.17 -6.94
CA LYS B 113 3.31 -31.78 -7.62
C LYS B 113 4.56 -30.94 -7.38
N LEU B 114 5.60 -31.57 -6.83
CA LEU B 114 6.86 -30.91 -6.57
C LEU B 114 7.91 -31.42 -7.54
N GLY B 115 8.74 -30.51 -8.06
CA GLY B 115 9.92 -30.91 -8.82
C GLY B 115 11.04 -31.26 -7.86
N ASN B 116 12.25 -31.30 -8.39
CA ASN B 116 13.40 -31.65 -7.57
C ASN B 116 13.91 -30.45 -6.78
N ASN B 117 14.42 -30.71 -5.58
CA ASN B 117 15.05 -29.69 -4.75
C ASN B 117 14.11 -28.53 -4.41
N VAL B 118 12.83 -28.82 -4.21
CA VAL B 118 11.88 -27.79 -3.75
C VAL B 118 12.02 -27.60 -2.25
N SER B 119 11.88 -26.36 -1.78
CA SER B 119 11.85 -26.06 -0.36
C SER B 119 10.55 -25.33 -0.01
N ILE B 120 9.94 -25.70 1.11
CA ILE B 120 8.69 -25.10 1.55
C ILE B 120 8.82 -24.79 3.03
N GLY B 121 8.65 -23.51 3.38
CA GLY B 121 8.92 -23.05 4.72
C GLY B 121 7.82 -23.41 5.68
N ALA B 122 8.11 -23.12 6.95
CA ALA B 122 7.21 -23.47 8.04
C ALA B 122 5.86 -22.80 7.86
N ASN B 123 4.79 -23.58 8.06
CA ASN B 123 3.41 -23.10 8.07
C ASN B 123 2.95 -22.54 6.73
N ALA B 124 3.68 -22.78 5.65
CA ALA B 124 3.15 -22.48 4.32
C ALA B 124 2.02 -23.45 3.99
N VAL B 125 1.08 -23.00 3.17
CA VAL B 125 -0.11 -23.75 2.83
C VAL B 125 -0.16 -23.87 1.30
N ILE B 126 -0.16 -25.11 0.80
CA ILE B 126 -0.16 -25.38 -0.64
C ILE B 126 -1.45 -26.10 -0.98
N GLU B 127 -2.25 -25.51 -1.88
CA GLU B 127 -3.55 -26.04 -2.23
C GLU B 127 -3.44 -27.20 -3.22
N SER B 128 -4.59 -27.79 -3.50
CA SER B 128 -4.69 -28.90 -4.43
C SER B 128 -4.31 -28.44 -5.84
N GLY B 129 -3.73 -29.37 -6.61
CA GLY B 129 -3.36 -29.10 -7.99
C GLY B 129 -2.17 -28.19 -8.21
N VAL B 130 -1.53 -27.68 -7.15
CA VAL B 130 -0.40 -26.77 -7.33
C VAL B 130 0.76 -27.54 -7.91
N GLU B 131 1.51 -26.88 -8.80
CA GLU B 131 2.74 -27.44 -9.35
C GLU B 131 3.88 -26.48 -9.06
N LEU B 132 4.92 -26.99 -8.39
CA LEU B 132 6.13 -26.24 -8.10
C LEU B 132 7.26 -26.88 -8.88
N GLY B 133 7.91 -26.08 -9.73
CA GLY B 133 9.00 -26.57 -10.54
C GLY B 133 10.29 -26.78 -9.76
N ASP B 134 11.28 -27.36 -10.43
CA ASP B 134 12.56 -27.62 -9.80
C ASP B 134 13.09 -26.38 -9.11
N ASN B 135 13.69 -26.56 -7.94
CA ASN B 135 14.40 -25.53 -7.21
C ASN B 135 13.50 -24.39 -6.74
N VAL B 136 12.17 -24.55 -6.81
CA VAL B 136 11.29 -23.53 -6.25
C VAL B 136 11.40 -23.48 -4.74
N ILE B 137 11.32 -22.27 -4.18
CA ILE B 137 11.38 -22.04 -2.74
C ILE B 137 10.18 -21.21 -2.33
N ILE B 138 9.38 -21.75 -1.41
CA ILE B 138 8.20 -21.09 -0.85
C ILE B 138 8.52 -20.74 0.60
N GLY B 139 8.51 -19.46 0.91
CA GLY B 139 8.82 -19.04 2.26
C GLY B 139 7.75 -19.45 3.26
N ALA B 140 8.12 -19.24 4.52
CA ALA B 140 7.23 -19.52 5.64
C ALA B 140 5.92 -18.74 5.50
N GLY B 141 4.81 -19.40 5.86
CA GLY B 141 3.55 -18.66 5.92
C GLY B 141 2.92 -18.32 4.59
N CYS B 142 3.49 -18.74 3.46
CA CYS B 142 2.84 -18.42 2.19
C CYS B 142 1.54 -19.20 2.03
N PHE B 143 0.71 -18.73 1.11
CA PHE B 143 -0.43 -19.48 0.61
C PHE B 143 -0.30 -19.53 -0.91
N VAL B 144 -0.45 -20.72 -1.48
CA VAL B 144 -0.50 -20.89 -2.92
C VAL B 144 -1.78 -21.62 -3.26
N GLY B 145 -2.67 -20.94 -3.99
CA GLY B 145 -4.03 -21.38 -4.21
C GLY B 145 -4.17 -22.44 -5.28
N LYS B 146 -5.41 -22.92 -5.44
CA LYS B 146 -5.66 -24.13 -6.22
C LYS B 146 -5.14 -24.01 -7.65
N ASN B 147 -4.45 -25.07 -8.10
CA ASN B 147 -4.04 -25.25 -9.49
C ASN B 147 -3.02 -24.20 -9.95
N SER B 148 -2.41 -23.44 -9.04
CA SER B 148 -1.44 -22.46 -9.49
C SER B 148 -0.11 -23.17 -9.79
N LYS B 149 0.66 -22.58 -10.71
CA LYS B 149 1.88 -23.21 -11.19
C LYS B 149 3.01 -22.23 -11.04
N ILE B 150 4.10 -22.66 -10.39
CA ILE B 150 5.26 -21.81 -10.16
C ILE B 150 6.47 -22.45 -10.83
N GLY B 151 7.07 -21.73 -11.78
CA GLY B 151 8.12 -22.28 -12.60
C GLY B 151 9.46 -22.40 -11.92
N ALA B 152 10.32 -23.22 -12.53
CA ALA B 152 11.60 -23.56 -11.94
C ALA B 152 12.41 -22.34 -11.49
N GLY B 153 13.02 -22.47 -10.31
CA GLY B 153 13.91 -21.46 -9.79
C GLY B 153 13.23 -20.28 -9.13
N SER B 154 11.92 -20.18 -9.22
CA SER B 154 11.22 -19.05 -8.61
C SER B 154 11.16 -19.19 -7.09
N ARG B 155 11.12 -18.04 -6.42
CA ARG B 155 11.17 -18.03 -4.98
C ARG B 155 10.21 -16.99 -4.43
N LEU B 156 9.50 -17.37 -3.37
CA LEU B 156 8.63 -16.49 -2.63
C LEU B 156 9.21 -16.30 -1.25
N TRP B 157 9.33 -15.06 -0.81
CA TRP B 157 9.69 -14.82 0.57
C TRP B 157 8.49 -15.15 1.46
N ALA B 158 8.61 -14.89 2.75
CA ALA B 158 7.57 -15.30 3.70
C ALA B 158 6.30 -14.49 3.47
N ASN B 159 5.16 -15.11 3.80
CA ASN B 159 3.87 -14.42 3.87
C ASN B 159 3.51 -13.76 2.53
N VAL B 160 3.78 -14.47 1.42
CA VAL B 160 3.28 -14.14 0.09
C VAL B 160 2.00 -14.94 -0.16
N THR B 161 1.01 -14.31 -0.79
CA THR B 161 -0.26 -14.96 -1.13
C THR B 161 -0.40 -15.05 -2.63
N ILE B 162 -0.47 -16.27 -3.15
CA ILE B 162 -0.82 -16.52 -4.53
C ILE B 162 -2.20 -17.14 -4.53
N TYR B 163 -3.13 -16.54 -5.26
CA TYR B 163 -4.47 -17.12 -5.36
C TYR B 163 -4.46 -18.32 -6.31
N HIS B 164 -5.64 -18.72 -6.79
CA HIS B 164 -5.84 -19.89 -7.64
C HIS B 164 -5.62 -19.57 -9.13
N GLU B 165 -5.25 -20.62 -9.89
CA GLU B 165 -5.10 -20.59 -11.34
C GLU B 165 -4.09 -19.51 -11.78
N ILE B 166 -3.08 -19.25 -10.95
CA ILE B 166 -2.03 -18.28 -11.27
C ILE B 166 -0.87 -19.03 -11.92
N GLN B 167 -0.26 -18.41 -12.91
CA GLN B 167 0.94 -18.97 -13.53
C GLN B 167 2.10 -18.00 -13.37
N ILE B 168 3.18 -18.51 -12.78
CA ILE B 168 4.40 -17.76 -12.57
C ILE B 168 5.53 -18.51 -13.28
N GLY B 169 6.35 -17.78 -14.03
CA GLY B 169 7.42 -18.40 -14.80
C GLY B 169 8.63 -18.79 -13.97
N GLN B 170 9.79 -18.86 -14.65
CA GLN B 170 11.03 -19.29 -14.02
C GLN B 170 11.80 -18.12 -13.46
N ASN B 171 12.55 -18.39 -12.40
CA ASN B 171 13.54 -17.47 -11.84
C ASN B 171 12.91 -16.13 -11.47
N CYS B 172 11.66 -16.18 -11.00
CA CYS B 172 11.05 -15.00 -10.40
C CYS B 172 11.41 -14.89 -8.93
N LEU B 173 11.17 -13.72 -8.36
CA LEU B 173 11.38 -13.48 -6.94
C LEU B 173 10.26 -12.57 -6.46
N ILE B 174 9.55 -12.97 -5.41
CA ILE B 174 8.44 -12.18 -4.89
C ILE B 174 8.69 -11.91 -3.41
N GLN B 175 8.67 -10.64 -3.03
CA GLN B 175 8.92 -10.25 -1.65
C GLN B 175 7.66 -10.40 -0.79
N SER B 176 7.86 -10.36 0.52
CA SER B 176 6.79 -10.64 1.47
C SER B 176 5.60 -9.68 1.35
N GLY B 177 4.42 -10.19 1.72
CA GLY B 177 3.23 -9.36 1.84
C GLY B 177 2.53 -9.12 0.53
N THR B 178 3.12 -9.55 -0.57
CA THR B 178 2.52 -9.35 -1.87
C THR B 178 1.40 -10.36 -2.10
N VAL B 179 0.40 -9.93 -2.87
CA VAL B 179 -0.81 -10.73 -3.14
C VAL B 179 -0.95 -10.75 -4.65
N VAL B 180 -0.91 -11.95 -5.24
CA VAL B 180 -1.07 -12.13 -6.68
C VAL B 180 -2.36 -12.89 -6.94
N GLY B 181 -3.28 -12.29 -7.68
CA GLY B 181 -4.47 -13.01 -8.10
C GLY B 181 -5.74 -12.72 -7.33
N ALA B 182 -5.77 -11.67 -6.50
CA ALA B 182 -7.03 -11.28 -5.86
C ALA B 182 -8.04 -10.86 -6.91
N ASP B 183 -9.32 -10.83 -6.51
CA ASP B 183 -10.36 -10.36 -7.43
C ASP B 183 -10.05 -8.96 -7.93
N GLY B 184 -10.18 -8.74 -9.22
CA GLY B 184 -10.26 -7.38 -9.75
C GLY B 184 -11.51 -6.68 -9.20
N PHE B 185 -11.54 -5.36 -9.38
CA PHE B 185 -12.57 -4.52 -8.77
C PHE B 185 -13.76 -4.43 -9.74
N GLY B 186 -14.44 -5.56 -9.91
CA GLY B 186 -15.50 -5.64 -10.89
C GLY B 186 -16.89 -5.80 -10.28
N TYR B 187 -17.79 -4.86 -10.62
CA TYR B 187 -19.16 -4.84 -10.09
C TYR B 187 -20.10 -4.30 -11.16
N ALA B 188 -21.29 -4.89 -11.28
CA ALA B 188 -22.40 -4.25 -11.97
C ALA B 188 -23.21 -3.46 -10.96
N ASN B 189 -24.23 -2.75 -11.41
CA ASN B 189 -24.94 -1.86 -10.50
C ASN B 189 -26.42 -2.02 -10.76
N ASP B 190 -27.13 -2.50 -9.77
CA ASP B 190 -28.57 -2.69 -9.81
C ASP B 190 -29.13 -1.65 -8.83
N ARG B 191 -29.47 -0.48 -9.34
CA ARG B 191 -30.09 0.59 -8.56
C ARG B 191 -29.29 0.95 -7.29
N GLY B 192 -28.01 1.23 -7.46
CA GLY B 192 -27.18 1.58 -6.34
C GLY B 192 -26.59 0.40 -5.61
N ASN B 193 -27.17 -0.79 -5.75
CA ASN B 193 -26.60 -2.01 -5.17
C ASN B 193 -25.49 -2.53 -6.08
N TRP B 194 -24.28 -2.63 -5.55
CA TRP B 194 -23.17 -3.21 -6.28
C TRP B 194 -23.40 -4.71 -6.41
N VAL B 195 -23.23 -5.24 -7.61
CA VAL B 195 -23.45 -6.67 -7.87
C VAL B 195 -22.10 -7.23 -8.29
N LYS B 196 -21.56 -8.14 -7.49
CA LYS B 196 -20.21 -8.61 -7.74
C LYS B 196 -20.15 -9.31 -9.08
N ILE B 197 -19.14 -8.97 -9.88
CA ILE B 197 -18.80 -9.72 -11.08
C ILE B 197 -17.65 -10.66 -10.71
N PRO B 198 -17.89 -11.96 -10.63
CA PRO B 198 -16.80 -12.90 -10.37
C PRO B 198 -15.66 -12.66 -11.33
N GLN B 199 -14.43 -12.77 -10.83
CA GLN B 199 -13.24 -12.45 -11.60
C GLN B 199 -12.56 -13.77 -11.92
N ILE B 200 -12.90 -14.31 -13.08
CA ILE B 200 -12.54 -15.69 -13.42
C ILE B 200 -11.42 -15.76 -14.44
N GLY B 201 -10.85 -14.62 -14.84
CA GLY B 201 -9.55 -14.65 -15.46
C GLY B 201 -8.46 -14.93 -14.43
N ARG B 202 -7.20 -14.80 -14.88
CA ARG B 202 -6.03 -15.21 -14.12
C ARG B 202 -4.99 -14.09 -14.06
N VAL B 203 -3.83 -14.41 -13.48
CA VAL B 203 -2.63 -13.62 -13.65
C VAL B 203 -1.60 -14.53 -14.29
N ILE B 204 -0.95 -14.05 -15.34
CA ILE B 204 0.17 -14.76 -15.96
C ILE B 204 1.41 -13.90 -15.76
N ILE B 205 2.40 -14.46 -15.08
CA ILE B 205 3.66 -13.78 -14.82
C ILE B 205 4.74 -14.55 -15.56
N GLY B 206 5.57 -13.84 -16.35
CA GLY B 206 6.60 -14.45 -17.16
C GLY B 206 7.82 -14.89 -16.37
N ASP B 207 8.94 -15.00 -17.06
CA ASP B 207 10.20 -15.42 -16.45
C ASP B 207 10.98 -14.20 -15.96
N ARG B 208 11.76 -14.40 -14.89
CA ARG B 208 12.71 -13.42 -14.39
C ARG B 208 12.00 -12.15 -13.94
N VAL B 209 10.81 -12.30 -13.34
CA VAL B 209 10.05 -11.15 -12.85
C VAL B 209 10.37 -10.99 -11.38
N GLU B 210 10.61 -9.77 -10.94
CA GLU B 210 10.85 -9.47 -9.53
C GLU B 210 9.76 -8.54 -9.04
N ILE B 211 9.14 -8.88 -7.92
CA ILE B 211 8.00 -8.12 -7.41
C ILE B 211 8.30 -7.79 -5.96
N GLY B 212 8.10 -6.52 -5.60
CA GLY B 212 8.41 -6.04 -4.27
C GLY B 212 7.35 -6.45 -3.25
N ALA B 213 7.43 -5.81 -2.08
CA ALA B 213 6.66 -6.22 -0.91
C ALA B 213 5.37 -5.43 -0.85
N CYS B 214 4.29 -6.09 -0.41
CA CYS B 214 2.96 -5.50 -0.30
C CYS B 214 2.48 -4.91 -1.61
N THR B 215 2.82 -5.57 -2.71
CA THR B 215 2.29 -5.21 -4.01
C THR B 215 1.12 -6.13 -4.31
N THR B 216 0.12 -5.60 -5.00
CA THR B 216 -1.04 -6.41 -5.37
C THR B 216 -1.21 -6.43 -6.87
N ILE B 217 -1.48 -7.61 -7.40
CA ILE B 217 -1.68 -7.81 -8.85
C ILE B 217 -2.97 -8.63 -8.96
N ASP B 218 -4.05 -8.00 -9.40
CA ASP B 218 -5.35 -8.65 -9.43
C ASP B 218 -5.50 -9.55 -10.66
N ARG B 219 -6.29 -10.60 -10.49
CA ARG B 219 -6.62 -11.46 -11.64
C ARG B 219 -7.60 -10.74 -12.56
N GLY B 220 -7.63 -11.20 -13.82
CA GLY B 220 -8.54 -10.61 -14.80
C GLY B 220 -9.99 -11.01 -14.60
N ALA B 221 -10.89 -10.21 -15.20
CA ALA B 221 -12.33 -10.49 -15.07
C ALA B 221 -12.73 -11.73 -15.87
N LEU B 222 -12.26 -11.82 -17.12
CA LEU B 222 -12.53 -12.98 -17.97
C LEU B 222 -11.24 -13.44 -18.62
N ASP B 223 -10.59 -12.55 -19.32
CA ASP B 223 -9.24 -12.77 -19.81
C ASP B 223 -8.26 -12.35 -18.71
N ASP B 224 -6.95 -12.34 -19.01
CA ASP B 224 -5.95 -12.40 -17.94
C ASP B 224 -5.21 -11.07 -17.75
N THR B 225 -4.72 -10.89 -16.53
CA THR B 225 -3.69 -9.91 -16.22
C THR B 225 -2.34 -10.52 -16.60
N ILE B 226 -1.50 -9.76 -17.30
CA ILE B 226 -0.28 -10.33 -17.86
C ILE B 226 0.91 -9.46 -17.51
N ILE B 227 1.93 -10.08 -16.92
CA ILE B 227 3.18 -9.40 -16.62
C ILE B 227 4.25 -10.09 -17.46
N GLY B 228 4.93 -9.32 -18.31
CA GLY B 228 5.91 -9.87 -19.23
C GLY B 228 7.21 -10.32 -18.55
N ASN B 229 8.11 -10.87 -19.37
CA ASN B 229 9.38 -11.37 -18.85
C ASN B 229 10.31 -10.22 -18.47
N GLY B 230 11.12 -10.46 -17.43
CA GLY B 230 12.14 -9.47 -17.10
C GLY B 230 11.63 -8.20 -16.46
N VAL B 231 10.34 -8.12 -16.13
CA VAL B 231 9.74 -6.95 -15.50
C VAL B 231 10.15 -6.85 -14.03
N ILE B 232 10.41 -5.65 -13.56
CA ILE B 232 10.68 -5.42 -12.14
C ILE B 232 9.63 -4.45 -11.61
N ILE B 233 9.03 -4.83 -10.47
CA ILE B 233 7.99 -4.06 -9.81
C ILE B 233 8.40 -3.88 -8.35
N ASP B 234 8.28 -2.66 -7.86
CA ASP B 234 8.72 -2.28 -6.52
C ASP B 234 7.61 -2.54 -5.51
N ASN B 235 7.78 -2.02 -4.29
CA ASN B 235 6.81 -2.22 -3.22
C ASN B 235 5.55 -1.39 -3.43
N GLN B 236 4.46 -1.83 -2.79
CA GLN B 236 3.24 -1.03 -2.62
C GLN B 236 2.60 -0.66 -3.97
N CYS B 237 2.83 -1.43 -5.02
CA CYS B 237 2.21 -1.14 -6.30
C CYS B 237 0.87 -1.83 -6.40
N GLN B 238 -0.03 -1.27 -7.22
CA GLN B 238 -1.31 -1.89 -7.49
C GLN B 238 -1.41 -2.07 -8.98
N ILE B 239 -1.58 -3.31 -9.40
CA ILE B 239 -1.77 -3.67 -10.81
C ILE B 239 -3.15 -4.27 -10.93
N ALA B 240 -4.04 -3.52 -11.57
CA ALA B 240 -5.46 -3.87 -11.58
C ALA B 240 -5.74 -5.00 -12.57
N HIS B 241 -6.99 -5.47 -12.56
CA HIS B 241 -7.36 -6.57 -13.44
C HIS B 241 -7.17 -6.21 -14.91
N ASN B 242 -6.65 -7.17 -15.67
CA ASN B 242 -6.50 -7.07 -17.12
C ASN B 242 -5.48 -6.04 -17.56
N VAL B 243 -4.62 -5.59 -16.64
CA VAL B 243 -3.42 -4.87 -17.04
C VAL B 243 -2.48 -5.83 -17.76
N VAL B 244 -1.79 -5.32 -18.76
CA VAL B 244 -0.72 -6.03 -19.46
C VAL B 244 0.52 -5.18 -19.42
N ILE B 245 1.63 -5.74 -18.97
CA ILE B 245 2.89 -5.01 -18.86
C ILE B 245 3.92 -5.72 -19.72
N GLY B 246 4.55 -4.97 -20.62
CA GLY B 246 5.48 -5.58 -21.57
C GLY B 246 6.84 -5.89 -20.96
N ASP B 247 7.58 -6.76 -21.66
CA ASP B 247 8.89 -7.24 -21.22
C ASP B 247 9.80 -6.11 -20.79
N ASN B 248 10.51 -6.32 -19.68
CA ASN B 248 11.62 -5.50 -19.21
C ASN B 248 11.22 -4.14 -18.70
N THR B 249 9.92 -3.89 -18.57
CA THR B 249 9.47 -2.64 -18.00
C THR B 249 9.74 -2.64 -16.51
N ALA B 250 10.04 -1.45 -15.99
CA ALA B 250 10.32 -1.26 -14.57
C ALA B 250 9.24 -0.37 -13.98
N VAL B 251 8.72 -0.75 -12.81
CA VAL B 251 7.68 0.02 -12.11
C VAL B 251 8.17 0.29 -10.69
N ALA B 252 8.45 1.56 -10.37
CA ALA B 252 9.00 1.91 -9.05
C ALA B 252 7.87 1.97 -7.99
N GLY B 253 8.23 2.29 -6.74
CA GLY B 253 7.33 2.02 -5.63
C GLY B 253 6.05 2.85 -5.64
N GLY B 254 4.96 2.22 -5.17
CA GLY B 254 3.72 2.95 -4.93
C GLY B 254 2.95 3.35 -6.18
N VAL B 255 3.25 2.74 -7.32
CA VAL B 255 2.54 3.05 -8.55
C VAL B 255 1.17 2.38 -8.55
N ILE B 256 0.15 3.11 -8.97
CA ILE B 256 -1.19 2.55 -9.06
C ILE B 256 -1.61 2.52 -10.53
N MET B 257 -2.04 1.35 -11.00
CA MET B 257 -2.45 1.16 -12.38
C MET B 257 -3.88 0.69 -12.42
N ALA B 258 -4.71 1.37 -13.19
CA ALA B 258 -6.12 1.03 -13.27
C ALA B 258 -6.36 -0.08 -14.30
N GLY B 259 -7.60 -0.57 -14.33
CA GLY B 259 -7.88 -1.77 -15.10
C GLY B 259 -7.70 -1.57 -16.59
N SER B 260 -7.25 -2.64 -17.25
CA SER B 260 -7.16 -2.71 -18.70
C SER B 260 -6.14 -1.74 -19.28
N LEU B 261 -5.20 -1.25 -18.47
CA LEU B 261 -4.08 -0.50 -19.01
C LEU B 261 -3.13 -1.47 -19.72
N LYS B 262 -2.57 -1.05 -20.87
CA LYS B 262 -1.50 -1.81 -21.52
C LYS B 262 -0.26 -0.95 -21.52
N ILE B 263 0.84 -1.47 -20.98
CA ILE B 263 2.13 -0.80 -20.97
C ILE B 263 3.06 -1.61 -21.83
N GLY B 264 3.80 -0.93 -22.71
CA GLY B 264 4.74 -1.58 -23.60
C GLY B 264 6.01 -2.07 -22.91
N ARG B 265 6.96 -2.45 -23.76
CA ARG B 265 8.27 -2.97 -23.35
C ARG B 265 9.21 -1.83 -23.05
N TYR B 266 10.16 -2.10 -22.16
CA TYR B 266 11.25 -1.17 -21.84
C TYR B 266 10.72 0.17 -21.36
N CYS B 267 9.59 0.15 -20.65
CA CYS B 267 9.08 1.36 -20.02
C CYS B 267 9.64 1.51 -18.61
N MET B 268 9.61 2.75 -18.12
CA MET B 268 10.10 3.04 -16.78
C MET B 268 9.05 3.95 -16.14
N ILE B 269 8.37 3.43 -15.12
CA ILE B 269 7.29 4.15 -14.46
C ILE B 269 7.77 4.62 -13.08
N GLY B 270 7.86 5.94 -12.89
CA GLY B 270 8.42 6.49 -11.67
C GLY B 270 7.51 6.33 -10.47
N GLY B 271 8.14 6.42 -9.29
CA GLY B 271 7.43 6.06 -8.07
C GLY B 271 6.22 6.96 -7.85
N ALA B 272 5.15 6.35 -7.30
CA ALA B 272 3.95 7.06 -6.91
C ALA B 272 3.17 7.60 -8.11
N SER B 273 3.48 7.15 -9.34
CA SER B 273 2.66 7.54 -10.49
C SER B 273 1.28 6.89 -10.42
N VAL B 274 0.34 7.50 -11.13
CA VAL B 274 -1.05 7.04 -11.21
C VAL B 274 -1.36 6.88 -12.69
N ILE B 275 -1.63 5.65 -13.13
CA ILE B 275 -1.83 5.40 -14.56
C ILE B 275 -3.25 4.92 -14.77
N ASN B 276 -4.05 5.72 -15.48
CA ASN B 276 -5.44 5.33 -15.70
C ASN B 276 -5.53 4.21 -16.73
N GLY B 277 -6.72 3.62 -16.86
CA GLY B 277 -6.91 2.40 -17.59
C GLY B 277 -7.59 2.56 -18.93
N HIS B 278 -7.90 1.42 -19.56
CA HIS B 278 -8.51 1.38 -20.89
C HIS B 278 -7.75 2.27 -21.87
N MET B 279 -6.42 2.20 -21.81
CA MET B 279 -5.57 2.93 -22.72
C MET B 279 -4.22 2.23 -22.79
N GLU B 280 -3.39 2.66 -23.75
CA GLU B 280 -2.12 2.03 -24.01
C GLU B 280 -0.99 3.05 -23.91
N ILE B 281 0.14 2.58 -23.38
CA ILE B 281 1.41 3.29 -23.35
C ILE B 281 2.36 2.48 -24.21
N CYS B 282 2.97 3.12 -25.21
CA CYS B 282 3.83 2.43 -26.15
C CYS B 282 5.16 2.06 -25.51
N ASP B 283 6.00 1.35 -26.28
CA ASP B 283 7.34 0.97 -25.82
C ASP B 283 8.19 2.20 -25.50
N LYS B 284 9.13 2.02 -24.56
CA LYS B 284 10.21 2.99 -24.30
C LYS B 284 9.67 4.34 -23.83
N VAL B 285 8.69 4.30 -22.95
CA VAL B 285 8.14 5.50 -22.32
C VAL B 285 8.66 5.55 -20.88
N THR B 286 9.09 6.73 -20.47
CA THR B 286 9.44 7.01 -19.08
C THR B 286 8.43 7.99 -18.53
N VAL B 287 7.79 7.64 -17.42
CA VAL B 287 6.91 8.54 -16.68
C VAL B 287 7.66 8.87 -15.38
N THR B 288 7.96 10.15 -15.17
CA THR B 288 8.66 10.52 -13.95
C THR B 288 7.73 10.43 -12.74
N GLY B 289 8.35 10.38 -11.56
CA GLY B 289 7.59 10.08 -10.35
C GLY B 289 6.37 10.96 -10.13
N MET B 290 5.31 10.34 -9.60
CA MET B 290 4.04 10.98 -9.32
C MET B 290 3.32 11.45 -10.58
N GLY B 291 3.68 10.90 -11.74
CA GLY B 291 3.01 11.32 -12.96
C GLY B 291 1.55 10.93 -12.94
N MET B 292 0.72 11.83 -13.44
CA MET B 292 -0.72 11.67 -13.48
C MET B 292 -1.07 11.40 -14.93
N VAL B 293 -1.24 10.11 -15.28
CA VAL B 293 -1.34 9.69 -16.67
C VAL B 293 -2.81 9.52 -17.00
N MET B 294 -3.35 10.44 -17.80
CA MET B 294 -4.77 10.44 -18.12
C MET B 294 -5.07 10.03 -19.54
N ARG B 295 -4.07 10.05 -20.44
CA ARG B 295 -4.25 9.86 -21.87
C ARG B 295 -3.24 8.82 -22.37
N PRO B 296 -3.58 8.12 -23.45
CA PRO B 296 -2.61 7.19 -24.06
C PRO B 296 -1.32 7.91 -24.44
N ILE B 297 -0.22 7.16 -24.47
CA ILE B 297 1.07 7.67 -24.85
C ILE B 297 1.53 6.88 -26.08
N THR B 298 1.70 7.56 -27.20
CA THR B 298 1.91 6.89 -28.47
C THR B 298 3.32 7.12 -29.03
N GLU B 299 4.13 7.95 -28.38
CA GLU B 299 5.50 8.18 -28.77
C GLU B 299 6.44 7.91 -27.60
N PRO B 300 7.54 7.20 -27.82
CA PRO B 300 8.54 7.03 -26.75
C PRO B 300 9.06 8.37 -26.26
N GLY B 301 9.62 8.36 -25.06
CA GLY B 301 10.18 9.56 -24.50
C GLY B 301 9.79 9.68 -23.06
N VAL B 302 10.10 10.84 -22.49
CA VAL B 302 9.96 11.11 -21.06
C VAL B 302 8.79 12.05 -20.89
N TYR B 303 7.93 11.73 -19.93
CA TYR B 303 6.74 12.53 -19.66
C TYR B 303 6.62 12.74 -18.17
N SER B 304 6.05 13.89 -17.79
CA SER B 304 6.09 14.35 -16.41
C SER B 304 4.82 15.13 -16.08
N SER B 305 4.49 15.16 -14.79
CA SER B 305 3.45 16.07 -14.32
C SER B 305 3.77 16.48 -12.89
N GLY B 306 3.03 17.49 -12.41
CA GLY B 306 3.06 17.81 -10.98
C GLY B 306 3.72 19.16 -10.73
N ILE B 307 3.18 19.90 -9.77
CA ILE B 307 3.72 21.19 -9.35
C ILE B 307 4.44 20.95 -8.00
N PRO B 308 5.75 21.09 -7.95
CA PRO B 308 6.47 20.69 -6.74
C PRO B 308 6.34 21.68 -5.59
N LEU B 309 6.97 21.31 -4.50
CA LEU B 309 6.84 21.96 -3.20
C LEU B 309 7.24 23.44 -3.22
N GLN B 310 6.56 24.24 -2.42
CA GLN B 310 6.94 25.60 -2.10
C GLN B 310 6.73 25.82 -0.63
N PRO B 311 7.39 26.84 -0.04
CA PRO B 311 7.05 27.22 1.33
C PRO B 311 5.55 27.44 1.40
N ASN B 312 4.94 27.07 2.52
CA ASN B 312 3.49 27.01 2.56
C ASN B 312 2.85 28.37 2.25
N LYS B 313 3.43 29.46 2.75
CA LYS B 313 2.84 30.77 2.47
C LYS B 313 2.88 31.08 0.98
N VAL B 314 3.96 30.66 0.32
CA VAL B 314 4.04 30.82 -1.13
C VAL B 314 3.01 29.92 -1.82
N TRP B 315 2.96 28.66 -1.39
CA TRP B 315 2.02 27.72 -2.01
C TRP B 315 0.60 28.23 -1.93
N ARG B 316 0.20 28.81 -0.79
CA ARG B 316 -1.17 29.28 -0.65
C ARG B 316 -1.50 30.29 -1.75
N LYS B 317 -0.55 31.16 -2.08
CA LYS B 317 -0.77 32.13 -3.14
C LYS B 317 -0.75 31.46 -4.50
N THR B 318 0.24 30.57 -4.73
CA THR B 318 0.28 29.84 -5.99
C THR B 318 -1.04 29.14 -6.25
N ALA B 319 -1.52 28.41 -5.24
CA ALA B 319 -2.72 27.62 -5.45
C ALA B 319 -3.92 28.52 -5.68
N ALA B 320 -4.00 29.63 -4.95
CA ALA B 320 -5.14 30.52 -5.13
C ALA B 320 -5.14 31.09 -6.55
N LEU B 321 -3.96 31.48 -7.06
CA LEU B 321 -3.91 32.07 -8.41
C LEU B 321 -4.22 31.03 -9.47
N VAL B 322 -3.69 29.82 -9.32
CA VAL B 322 -3.98 28.78 -10.29
C VAL B 322 -5.46 28.47 -10.30
N MET B 323 -6.08 28.38 -9.13
CA MET B 323 -7.48 28.01 -9.09
C MET B 323 -8.34 29.07 -9.77
N ASN B 324 -7.87 30.31 -9.78
CA ASN B 324 -8.51 31.41 -10.47
C ASN B 324 -7.89 31.72 -11.83
N ILE B 325 -7.24 30.75 -12.48
CA ILE B 325 -6.53 31.05 -13.72
C ILE B 325 -7.47 31.40 -14.87
N ASP B 326 -8.74 30.97 -14.82
CA ASP B 326 -9.67 31.33 -15.90
C ASP B 326 -9.93 32.84 -15.91
N ASP B 327 -10.00 33.45 -14.72
CA ASP B 327 -10.13 34.90 -14.64
C ASP B 327 -8.88 35.59 -15.18
N MET B 328 -7.71 35.04 -14.92
CA MET B 328 -6.48 35.59 -15.46
C MET B 328 -6.49 35.51 -16.99
N SER B 329 -6.93 34.37 -17.54
CA SER B 329 -7.05 34.22 -18.99
C SER B 329 -8.00 35.27 -19.58
N LYS B 330 -9.16 35.48 -18.94
CA LYS B 330 -10.10 36.45 -19.45
C LYS B 330 -9.54 37.86 -19.42
N ARG B 331 -8.81 38.22 -18.37
CA ARG B 331 -8.19 39.53 -18.31
C ARG B 331 -7.12 39.69 -19.40
N LEU B 332 -6.31 38.66 -19.61
CA LEU B 332 -5.33 38.70 -20.68
C LEU B 332 -6.00 38.95 -22.03
N LYS B 333 -7.09 38.23 -22.32
CA LYS B 333 -7.74 38.39 -23.63
C LYS B 333 -8.34 39.78 -23.73
N SER B 334 -8.92 40.26 -22.64
CA SER B 334 -9.49 41.61 -22.64
CA SER B 334 -9.49 41.62 -22.65
C SER B 334 -8.42 42.65 -22.95
N LEU B 335 -7.25 42.50 -22.35
CA LEU B 335 -6.15 43.42 -22.58
C LEU B 335 -5.67 43.35 -24.02
N GLU B 336 -5.57 42.14 -24.58
CA GLU B 336 -5.12 42.02 -25.97
C GLU B 336 -6.06 42.74 -26.92
N ARG B 337 -7.37 42.60 -26.67
CA ARG B 337 -8.35 43.30 -27.49
C ARG B 337 -8.14 44.81 -27.42
N LYS B 338 -7.90 45.37 -26.22
CA LYS B 338 -7.66 46.80 -26.10
C LYS B 338 -6.39 47.22 -26.82
N VAL B 339 -5.34 46.40 -26.75
CA VAL B 339 -4.10 46.77 -27.42
C VAL B 339 -4.25 46.66 -28.93
N ASN B 340 -5.15 45.77 -29.39
CA ASN B 340 -5.51 45.67 -30.80
C ASN B 340 -6.47 46.77 -31.25
N GLN B 341 -6.82 47.70 -30.37
CA GLN B 341 -7.69 48.82 -30.73
C GLN B 341 -9.09 48.34 -31.12
N GLN B 342 -9.58 47.30 -30.48
CA GLN B 342 -10.96 46.87 -30.71
C GLN B 342 -11.84 47.02 -29.47
N GLY C 4 -20.37 -25.32 -12.47
CA GLY C 4 -21.37 -26.37 -12.58
C GLY C 4 -22.21 -26.24 -13.86
N SER C 5 -22.16 -27.25 -14.73
CA SER C 5 -22.86 -27.18 -16.01
C SER C 5 -24.36 -27.05 -15.82
N ILE C 6 -25.02 -26.34 -16.74
CA ILE C 6 -26.45 -26.07 -16.62
C ILE C 6 -27.06 -26.04 -18.00
N ARG C 7 -28.33 -26.46 -18.08
CA ARG C 7 -29.06 -26.37 -19.35
C ARG C 7 -29.39 -24.91 -19.65
N LEU C 8 -29.30 -24.54 -20.93
CA LEU C 8 -29.56 -23.16 -21.32
C LEU C 8 -30.95 -22.70 -20.89
N ALA C 9 -31.98 -23.55 -21.08
CA ALA C 9 -33.32 -23.13 -20.64
C ALA C 9 -33.38 -22.91 -19.13
N ASP C 10 -32.67 -23.73 -18.36
CA ASP C 10 -32.65 -23.51 -16.91
C ASP C 10 -31.91 -22.22 -16.57
N LEU C 11 -30.79 -21.98 -17.24
CA LEU C 11 -30.06 -20.74 -17.01
C LEU C 11 -30.92 -19.53 -17.37
N ALA C 12 -31.59 -19.59 -18.53
CA ALA C 12 -32.46 -18.48 -18.94
C ALA C 12 -33.50 -18.19 -17.89
N GLN C 13 -34.08 -19.25 -17.30
CA GLN C 13 -35.12 -19.08 -16.29
C GLN C 13 -34.58 -18.37 -15.05
N GLN C 14 -33.42 -18.82 -14.55
CA GLN C 14 -32.79 -18.17 -13.40
C GLN C 14 -32.39 -16.75 -13.66
N LEU C 15 -32.18 -16.37 -14.93
CA LEU C 15 -31.82 -15.02 -15.30
C LEU C 15 -33.02 -14.17 -15.71
N ASP C 16 -34.23 -14.74 -15.78
CA ASP C 16 -35.41 -14.02 -16.24
C ASP C 16 -35.19 -13.50 -17.66
N ALA C 17 -34.59 -14.33 -18.51
CA ALA C 17 -34.29 -14.00 -19.89
C ALA C 17 -35.24 -14.74 -20.83
N GLU C 18 -35.51 -14.13 -22.00
CA GLU C 18 -36.24 -14.80 -23.06
C GLU C 18 -35.29 -15.65 -23.88
N LEU C 19 -35.51 -16.96 -23.89
CA LEU C 19 -34.68 -17.87 -24.66
C LEU C 19 -35.10 -17.88 -26.14
N HIS C 20 -34.12 -17.76 -27.02
CA HIS C 20 -34.33 -17.89 -28.47
C HIS C 20 -33.31 -18.92 -28.95
N GLY C 21 -33.74 -20.15 -29.14
CA GLY C 21 -32.83 -21.23 -29.49
C GLY C 21 -33.04 -22.43 -28.60
N ASP C 22 -32.10 -23.38 -28.68
CA ASP C 22 -32.25 -24.71 -28.12
C ASP C 22 -32.00 -24.72 -26.61
N GLY C 23 -33.07 -24.93 -25.84
CA GLY C 23 -32.98 -24.95 -24.38
C GLY C 23 -32.16 -26.09 -23.80
N ASP C 24 -31.87 -27.12 -24.60
CA ASP C 24 -31.10 -28.27 -24.12
C ASP C 24 -29.60 -28.08 -24.22
N ILE C 25 -29.13 -27.06 -24.94
CA ILE C 25 -27.72 -26.71 -24.91
C ILE C 25 -27.24 -26.71 -23.46
N VAL C 26 -26.08 -27.32 -23.22
CA VAL C 26 -25.45 -27.34 -21.92
C VAL C 26 -24.41 -26.24 -21.87
N ILE C 27 -24.53 -25.36 -20.89
CA ILE C 27 -23.56 -24.28 -20.68
C ILE C 27 -22.62 -24.69 -19.55
N THR C 28 -21.32 -24.63 -19.80
CA THR C 28 -20.33 -25.00 -18.81
C THR C 28 -19.66 -23.80 -18.15
N GLY C 29 -19.81 -22.60 -18.70
CA GLY C 29 -18.99 -21.50 -18.21
C GLY C 29 -19.28 -20.24 -18.97
N VAL C 30 -18.78 -19.13 -18.40
CA VAL C 30 -18.86 -17.82 -19.01
C VAL C 30 -17.52 -17.52 -19.69
N ALA C 31 -17.57 -16.85 -20.84
CA ALA C 31 -16.32 -16.44 -21.47
C ALA C 31 -16.51 -15.09 -22.16
N SER C 32 -15.41 -14.39 -22.39
CA SER C 32 -15.49 -13.17 -23.18
C SER C 32 -15.91 -13.52 -24.61
N MET C 33 -16.34 -12.51 -25.36
CA MET C 33 -16.84 -12.80 -26.70
C MET C 33 -15.75 -13.37 -27.60
N GLN C 34 -14.53 -12.85 -27.47
CA GLN C 34 -13.42 -13.33 -28.30
C GLN C 34 -12.92 -14.70 -27.87
N SER C 35 -12.95 -15.00 -26.56
CA SER C 35 -12.46 -16.27 -26.06
C SER C 35 -13.49 -17.39 -26.12
N ALA C 36 -14.79 -17.08 -26.26
CA ALA C 36 -15.81 -18.09 -26.04
C ALA C 36 -15.71 -19.23 -27.04
N GLN C 37 -15.93 -20.46 -26.54
CA GLN C 37 -15.92 -21.69 -27.31
C GLN C 37 -17.22 -22.43 -27.02
N THR C 38 -17.42 -23.57 -27.69
CA THR C 38 -18.64 -24.33 -27.48
C THR C 38 -18.77 -24.65 -25.99
N GLY C 39 -20.00 -24.63 -25.49
CA GLY C 39 -20.27 -24.76 -24.08
C GLY C 39 -20.26 -23.45 -23.30
N HIS C 40 -19.67 -22.39 -23.84
CA HIS C 40 -19.61 -21.10 -23.14
C HIS C 40 -20.83 -20.24 -23.46
N ILE C 41 -21.25 -19.45 -22.49
CA ILE C 41 -22.19 -18.36 -22.72
C ILE C 41 -21.39 -17.05 -22.63
N THR C 42 -21.75 -16.08 -23.46
CA THR C 42 -21.10 -14.79 -23.41
C THR C 42 -22.20 -13.74 -23.54
N PHE C 43 -21.81 -12.48 -23.71
CA PHE C 43 -22.79 -11.41 -23.69
C PHE C 43 -22.32 -10.30 -24.63
N MET C 44 -23.29 -9.58 -25.20
CA MET C 44 -22.99 -8.43 -26.04
C MET C 44 -23.60 -7.18 -25.41
N VAL C 45 -22.76 -6.21 -25.07
CA VAL C 45 -23.26 -4.92 -24.60
C VAL C 45 -23.12 -3.84 -25.65
N ASN C 46 -22.25 -4.02 -26.66
CA ASN C 46 -21.93 -2.99 -27.65
C ASN C 46 -22.50 -3.39 -29.01
N PRO C 47 -23.56 -2.71 -29.50
CA PRO C 47 -24.17 -3.13 -30.77
C PRO C 47 -23.23 -3.07 -31.96
N LYS C 48 -22.05 -2.45 -31.84
CA LYS C 48 -21.15 -2.48 -32.97
C LYS C 48 -20.65 -3.89 -33.26
N TYR C 49 -20.80 -4.82 -32.31
CA TYR C 49 -20.39 -6.20 -32.54
C TYR C 49 -21.47 -7.06 -33.19
N ARG C 50 -22.66 -6.49 -33.48
CA ARG C 50 -23.69 -7.25 -34.18
C ARG C 50 -23.15 -7.94 -35.43
N GLU C 51 -22.38 -7.22 -36.23
CA GLU C 51 -21.82 -7.77 -37.46
C GLU C 51 -20.75 -8.84 -37.20
N HIS C 52 -20.28 -8.95 -35.96
CA HIS C 52 -19.21 -9.84 -35.54
C HIS C 52 -19.74 -11.12 -34.90
N LEU C 53 -21.04 -11.21 -34.64
CA LEU C 53 -21.54 -12.34 -33.87
C LEU C 53 -21.27 -13.67 -34.56
N GLY C 54 -21.27 -13.70 -35.90
CA GLY C 54 -20.92 -14.94 -36.59
C GLY C 54 -19.48 -15.37 -36.42
N LEU C 55 -18.63 -14.54 -35.83
CA LEU C 55 -17.25 -14.91 -35.51
C LEU C 55 -17.09 -15.40 -34.07
N CYS C 56 -18.15 -15.38 -33.30
CA CYS C 56 -18.14 -15.82 -31.91
C CYS C 56 -18.59 -17.27 -31.82
N GLN C 57 -17.78 -18.11 -31.19
CA GLN C 57 -18.02 -19.54 -31.09
C GLN C 57 -18.71 -19.94 -29.78
N ALA C 58 -19.27 -18.98 -29.05
CA ALA C 58 -20.06 -19.31 -27.86
C ALA C 58 -21.29 -20.13 -28.24
N SER C 59 -21.75 -20.95 -27.31
CA SER C 59 -23.01 -21.66 -27.52
C SER C 59 -24.23 -20.76 -27.29
N ALA C 60 -24.09 -19.67 -26.54
CA ALA C 60 -25.21 -18.74 -26.38
C ALA C 60 -24.67 -17.35 -26.10
N VAL C 61 -25.46 -16.35 -26.47
CA VAL C 61 -25.09 -14.94 -26.31
C VAL C 61 -26.25 -14.19 -25.66
N VAL C 62 -25.99 -13.52 -24.54
CA VAL C 62 -26.91 -12.59 -23.89
C VAL C 62 -26.91 -11.27 -24.65
N MET C 63 -28.11 -10.77 -25.01
CA MET C 63 -28.20 -9.55 -25.82
C MET C 63 -29.59 -8.93 -25.60
N THR C 64 -29.83 -7.79 -26.25
CA THR C 64 -31.10 -7.10 -26.15
C THR C 64 -32.05 -7.54 -27.26
N GLN C 65 -33.30 -7.10 -27.15
CA GLN C 65 -34.28 -7.37 -28.19
C GLN C 65 -33.87 -6.73 -29.52
N ASP C 66 -33.24 -5.55 -29.46
CA ASP C 66 -32.79 -4.89 -30.68
C ASP C 66 -31.66 -5.66 -31.36
N ASP C 67 -30.85 -6.38 -30.57
CA ASP C 67 -29.75 -7.18 -31.13
C ASP C 67 -30.23 -8.48 -31.75
N LEU C 68 -31.40 -8.97 -31.37
CA LEU C 68 -31.79 -10.33 -31.69
C LEU C 68 -31.78 -10.67 -33.17
N PRO C 69 -32.21 -9.77 -34.07
CA PRO C 69 -32.16 -10.09 -35.51
C PRO C 69 -30.76 -10.40 -36.00
N PHE C 70 -29.73 -9.96 -35.27
CA PHE C 70 -28.35 -10.15 -35.66
C PHE C 70 -27.72 -11.40 -35.05
N ALA C 71 -28.46 -12.12 -34.22
CA ALA C 71 -27.91 -13.29 -33.55
C ALA C 71 -27.48 -14.32 -34.58
N LYS C 72 -26.39 -15.03 -34.28
CA LYS C 72 -25.99 -16.19 -35.06
C LYS C 72 -25.70 -17.35 -34.10
N SER C 73 -26.59 -17.51 -33.13
CA SER C 73 -26.46 -18.50 -32.06
C SER C 73 -27.74 -18.44 -31.25
N ALA C 74 -27.91 -19.42 -30.36
CA ALA C 74 -28.94 -19.29 -29.34
C ALA C 74 -28.74 -17.98 -28.60
N ALA C 75 -29.84 -17.30 -28.27
CA ALA C 75 -29.78 -15.98 -27.66
C ALA C 75 -30.62 -15.93 -26.40
N LEU C 76 -30.12 -15.25 -25.39
CA LEU C 76 -30.87 -14.90 -24.20
C LEU C 76 -31.14 -13.40 -24.28
N VAL C 77 -32.42 -13.03 -24.48
CA VAL C 77 -32.81 -11.63 -24.61
C VAL C 77 -33.17 -11.06 -23.24
N VAL C 78 -32.54 -9.94 -22.87
CA VAL C 78 -32.75 -9.30 -21.57
C VAL C 78 -32.78 -7.80 -21.78
N LYS C 79 -33.29 -7.09 -20.76
CA LYS C 79 -33.22 -5.63 -20.77
C LYS C 79 -31.80 -5.11 -20.49
N ASN C 80 -31.04 -5.81 -19.66
CA ASN C 80 -29.74 -5.30 -19.20
C ASN C 80 -28.70 -6.42 -19.35
N PRO C 81 -27.99 -6.47 -20.49
CA PRO C 81 -27.03 -7.58 -20.68
C PRO C 81 -25.88 -7.57 -19.68
N TYR C 82 -25.41 -6.40 -19.25
CA TYR C 82 -24.30 -6.34 -18.32
C TYR C 82 -24.69 -6.89 -16.96
N LEU C 83 -25.84 -6.47 -16.42
CA LEU C 83 -26.32 -7.03 -15.15
C LEU C 83 -26.54 -8.53 -15.28
N THR C 84 -27.06 -8.97 -16.44
CA THR C 84 -27.31 -10.39 -16.63
C THR C 84 -25.99 -11.15 -16.66
N TYR C 85 -24.96 -10.55 -17.25
CA TYR C 85 -23.63 -11.15 -17.22
C TYR C 85 -23.15 -11.34 -15.79
N ALA C 86 -23.24 -10.30 -14.96
CA ALA C 86 -22.83 -10.42 -13.57
C ALA C 86 -23.53 -11.60 -12.90
N ARG C 87 -24.85 -11.68 -13.09
CA ARG C 87 -25.64 -12.75 -12.47
C ARG C 87 -25.26 -14.12 -13.01
N MET C 88 -25.05 -14.25 -14.33
CA MET C 88 -24.76 -15.58 -14.84
C MET C 88 -23.34 -15.99 -14.47
N ALA C 89 -22.43 -15.02 -14.37
CA ALA C 89 -21.09 -15.33 -13.88
C ALA C 89 -21.14 -15.80 -12.43
N GLN C 90 -22.07 -15.28 -11.63
CA GLN C 90 -22.25 -15.79 -10.28
C GLN C 90 -22.74 -17.23 -10.29
N ILE C 91 -23.77 -17.51 -11.09
CA ILE C 91 -24.30 -18.87 -11.24
C ILE C 91 -23.19 -19.83 -11.70
N LEU C 92 -22.35 -19.40 -12.64
CA LEU C 92 -21.32 -20.27 -13.22
C LEU C 92 -19.94 -20.04 -12.62
N ASP C 93 -19.88 -19.43 -11.43
CA ASP C 93 -18.59 -19.03 -10.86
C ASP C 93 -17.69 -20.25 -10.62
N THR C 94 -16.45 -20.16 -11.11
CA THR C 94 -15.41 -21.14 -10.85
C THR C 94 -14.49 -20.78 -9.69
N THR C 95 -14.69 -19.64 -9.05
CA THR C 95 -13.83 -19.25 -7.94
C THR C 95 -13.94 -20.30 -6.83
N PRO C 96 -12.83 -20.82 -6.31
CA PRO C 96 -12.93 -21.74 -5.17
C PRO C 96 -13.32 -21.01 -3.90
N GLN C 97 -13.65 -21.81 -2.87
CA GLN C 97 -13.79 -21.23 -1.54
C GLN C 97 -12.43 -21.12 -0.86
N PRO C 98 -12.25 -20.14 0.05
CA PRO C 98 -10.96 -20.02 0.76
C PRO C 98 -10.60 -21.22 1.61
N ALA C 99 -11.58 -22.02 2.01
CA ALA C 99 -11.32 -23.18 2.85
C ALA C 99 -12.56 -24.06 2.83
N GLN C 100 -12.37 -25.31 3.25
CA GLN C 100 -13.48 -26.25 3.37
C GLN C 100 -13.25 -27.08 4.64
N ASN C 101 -14.27 -27.18 5.48
CA ASN C 101 -14.13 -27.87 6.77
C ASN C 101 -13.14 -27.13 7.66
N ILE C 102 -12.78 -27.68 8.82
CA ILE C 102 -11.91 -27.01 9.76
C ILE C 102 -10.55 -27.71 9.79
N ALA C 103 -9.51 -26.97 9.41
CA ALA C 103 -8.19 -27.55 9.19
C ALA C 103 -7.60 -28.03 10.52
N PRO C 104 -7.02 -29.23 10.55
CA PRO C 104 -6.35 -29.69 11.78
C PRO C 104 -5.22 -28.76 12.22
N SER C 105 -4.67 -27.96 11.31
CA SER C 105 -3.58 -27.06 11.68
C SER C 105 -4.07 -25.68 12.10
N ALA C 106 -5.37 -25.42 12.00
CA ALA C 106 -5.90 -24.17 12.53
C ALA C 106 -5.84 -24.20 14.05
N VAL C 107 -5.67 -23.04 14.65
CA VAL C 107 -5.57 -22.91 16.10
C VAL C 107 -6.75 -22.08 16.55
N ILE C 108 -7.70 -22.74 17.20
CA ILE C 108 -9.01 -22.14 17.52
C ILE C 108 -9.20 -22.17 19.02
N ASP C 109 -9.29 -20.99 19.63
CA ASP C 109 -9.49 -20.92 21.07
C ASP C 109 -10.74 -21.69 21.48
N ALA C 110 -10.66 -22.35 22.65
CA ALA C 110 -11.80 -23.13 23.13
C ALA C 110 -13.06 -22.28 23.30
N THR C 111 -12.92 -20.98 23.56
CA THR C 111 -14.08 -20.12 23.79
C THR C 111 -14.64 -19.52 22.52
N ALA C 112 -14.01 -19.75 21.38
CA ALA C 112 -14.58 -19.27 20.14
C ALA C 112 -15.91 -19.98 19.88
N LYS C 113 -16.87 -19.23 19.32
CA LYS C 113 -18.20 -19.77 19.02
C LYS C 113 -18.38 -19.89 17.51
N LEU C 114 -18.46 -21.12 17.02
CA LEU C 114 -18.60 -21.40 15.59
C LEU C 114 -20.05 -21.72 15.27
N GLY C 115 -20.58 -21.10 14.23
CA GLY C 115 -21.89 -21.44 13.73
C GLY C 115 -21.87 -22.72 12.91
N ASN C 116 -22.96 -22.95 12.20
CA ASN C 116 -23.08 -24.15 11.38
C ASN C 116 -22.32 -23.95 10.08
N ASN C 117 -21.68 -25.01 9.60
CA ASN C 117 -21.04 -25.03 8.29
C ASN C 117 -19.96 -23.94 8.15
N VAL C 118 -19.17 -23.73 9.21
CA VAL C 118 -18.04 -22.81 9.16
C VAL C 118 -16.82 -23.58 8.67
N SER C 119 -16.05 -22.97 7.77
CA SER C 119 -14.82 -23.55 7.28
C SER C 119 -13.68 -22.63 7.67
N ILE C 120 -12.58 -23.21 8.11
CA ILE C 120 -11.40 -22.48 8.56
C ILE C 120 -10.18 -23.13 7.94
N GLY C 121 -9.37 -22.34 7.25
CA GLY C 121 -8.26 -22.89 6.49
C GLY C 121 -7.04 -23.23 7.33
N ALA C 122 -6.10 -23.91 6.69
CA ALA C 122 -4.88 -24.32 7.36
C ALA C 122 -4.16 -23.14 8.00
N ASN C 123 -3.71 -23.34 9.23
CA ASN C 123 -2.88 -22.43 10.00
C ASN C 123 -3.55 -21.11 10.31
N ALA C 124 -4.86 -20.97 10.07
CA ALA C 124 -5.54 -19.80 10.61
C ALA C 124 -5.56 -19.85 12.14
N VAL C 125 -5.73 -18.68 12.75
CA VAL C 125 -5.64 -18.52 14.19
C VAL C 125 -6.84 -17.72 14.63
N ILE C 126 -7.64 -18.28 15.54
CA ILE C 126 -8.90 -17.69 16.01
C ILE C 126 -8.75 -17.46 17.51
N GLU C 127 -8.89 -16.21 17.94
CA GLU C 127 -8.66 -15.87 19.34
C GLU C 127 -9.87 -16.23 20.23
N SER C 128 -9.68 -16.01 21.53
CA SER C 128 -10.75 -16.17 22.51
C SER C 128 -11.92 -15.25 22.17
N GLY C 129 -13.13 -15.72 22.46
CA GLY C 129 -14.32 -14.90 22.35
C GLY C 129 -14.78 -14.62 20.93
N VAL C 130 -14.06 -15.11 19.92
CA VAL C 130 -14.48 -14.89 18.53
C VAL C 130 -15.78 -15.62 18.24
N GLU C 131 -16.67 -14.99 17.47
CA GLU C 131 -17.92 -15.61 17.03
C GLU C 131 -17.96 -15.57 15.51
N LEU C 132 -18.10 -16.74 14.88
CA LEU C 132 -18.19 -16.85 13.43
C LEU C 132 -19.59 -17.37 13.10
N GLY C 133 -20.36 -16.60 12.33
CA GLY C 133 -21.72 -16.98 12.01
C GLY C 133 -21.78 -18.14 11.03
N ASP C 134 -23.02 -18.61 10.78
CA ASP C 134 -23.20 -19.74 9.88
C ASP C 134 -22.56 -19.46 8.54
N ASN C 135 -21.88 -20.46 7.99
CA ASN C 135 -21.41 -20.44 6.62
C ASN C 135 -20.22 -19.49 6.43
N VAL C 136 -19.66 -18.97 7.53
CA VAL C 136 -18.47 -18.15 7.44
C VAL C 136 -17.30 -19.02 7.00
N ILE C 137 -16.43 -18.47 6.12
CA ILE C 137 -15.23 -19.16 5.67
C ILE C 137 -14.04 -18.28 6.00
N ILE C 138 -13.05 -18.86 6.71
CA ILE C 138 -11.82 -18.16 7.07
C ILE C 138 -10.69 -18.80 6.28
N GLY C 139 -10.01 -18.02 5.46
CA GLY C 139 -8.93 -18.57 4.67
C GLY C 139 -7.73 -18.97 5.50
N ALA C 140 -6.82 -19.69 4.82
CA ALA C 140 -5.58 -20.12 5.44
C ALA C 140 -4.79 -18.92 5.96
N GLY C 141 -4.13 -19.11 7.10
CA GLY C 141 -3.18 -18.10 7.54
C GLY C 141 -3.80 -16.85 8.14
N CYS C 142 -5.14 -16.76 8.21
CA CYS C 142 -5.78 -15.59 8.80
C CYS C 142 -5.54 -15.52 10.30
N PHE C 143 -5.75 -14.32 10.82
CA PHE C 143 -5.79 -14.07 12.27
C PHE C 143 -7.08 -13.32 12.55
N VAL C 144 -7.85 -13.81 13.52
CA VAL C 144 -9.05 -13.11 13.96
C VAL C 144 -8.94 -12.88 15.46
N GLY C 145 -8.91 -11.61 15.87
CA GLY C 145 -8.53 -11.26 17.23
C GLY C 145 -9.66 -11.34 18.24
N LYS C 146 -9.30 -11.10 19.51
CA LYS C 146 -10.18 -11.41 20.64
C LYS C 146 -11.55 -10.75 20.49
N ASN C 147 -12.60 -11.54 20.73
CA ASN C 147 -13.98 -11.08 20.81
C ASN C 147 -14.52 -10.52 19.49
N SER C 148 -13.81 -10.70 18.39
CA SER C 148 -14.33 -10.17 17.13
C SER C 148 -15.46 -11.06 16.62
N LYS C 149 -16.37 -10.46 15.88
CA LYS C 149 -17.57 -11.16 15.41
C LYS C 149 -17.67 -11.02 13.91
N ILE C 150 -17.90 -12.12 13.22
CA ILE C 150 -17.99 -12.14 11.76
C ILE C 150 -19.32 -12.76 11.39
N GLY C 151 -20.13 -12.02 10.65
CA GLY C 151 -21.51 -12.40 10.40
C GLY C 151 -21.63 -13.52 9.37
N ALA C 152 -22.81 -14.16 9.38
CA ALA C 152 -23.09 -15.31 8.55
C ALA C 152 -22.74 -15.05 7.09
N GLY C 153 -22.11 -16.04 6.45
CA GLY C 153 -21.83 -15.98 5.04
C GLY C 153 -20.63 -15.12 4.66
N SER C 154 -20.04 -14.41 5.61
CA SER C 154 -18.85 -13.61 5.29
C SER C 154 -17.64 -14.51 5.06
N ARG C 155 -16.72 -14.04 4.19
CA ARG C 155 -15.58 -14.86 3.82
C ARG C 155 -14.33 -14.01 3.79
N LEU C 156 -13.24 -14.57 4.34
CA LEU C 156 -11.91 -13.99 4.31
C LEU C 156 -11.01 -14.87 3.46
N TRP C 157 -10.33 -14.28 2.48
CA TRP C 157 -9.31 -15.03 1.76
C TRP C 157 -8.08 -15.27 2.65
N ALA C 158 -7.03 -15.85 2.09
CA ALA C 158 -5.89 -16.23 2.94
C ALA C 158 -5.20 -14.99 3.49
N ASN C 159 -4.59 -15.15 4.66
CA ASN C 159 -3.67 -14.13 5.17
C ASN C 159 -4.34 -12.77 5.33
N VAL C 160 -5.55 -12.78 5.88
CA VAL C 160 -6.24 -11.57 6.30
C VAL C 160 -6.05 -11.44 7.80
N THR C 161 -5.87 -10.20 8.28
CA THR C 161 -5.73 -9.94 9.73
C THR C 161 -6.91 -9.11 10.21
N ILE C 162 -7.66 -9.67 11.17
CA ILE C 162 -8.71 -8.96 11.90
C ILE C 162 -8.22 -8.80 13.32
N TYR C 163 -8.17 -7.57 13.82
CA TYR C 163 -7.77 -7.39 15.22
C TYR C 163 -8.93 -7.75 16.17
N HIS C 164 -8.83 -7.28 17.42
CA HIS C 164 -9.81 -7.54 18.48
C HIS C 164 -10.99 -6.57 18.39
N GLU C 165 -12.13 -7.03 18.94
CA GLU C 165 -13.36 -6.24 19.10
C GLU C 165 -13.87 -5.67 17.78
N ILE C 166 -13.63 -6.38 16.68
CA ILE C 166 -14.11 -5.95 15.36
C ILE C 166 -15.47 -6.62 15.09
N GLN C 167 -16.38 -5.87 14.48
CA GLN C 167 -17.67 -6.40 14.07
C GLN C 167 -17.74 -6.36 12.55
N ILE C 168 -17.98 -7.51 11.94
CA ILE C 168 -18.14 -7.64 10.50
C ILE C 168 -19.50 -8.25 10.26
N GLY C 169 -20.27 -7.68 9.32
CA GLY C 169 -21.61 -8.14 9.08
C GLY C 169 -21.67 -9.39 8.22
N GLN C 170 -22.82 -9.58 7.60
CA GLN C 170 -23.10 -10.78 6.82
C GLN C 170 -22.70 -10.60 5.36
N ASN C 171 -22.26 -11.72 4.74
CA ASN C 171 -22.04 -11.77 3.29
C ASN C 171 -20.98 -10.76 2.83
N CYS C 172 -20.01 -10.50 3.70
CA CYS C 172 -18.86 -9.71 3.32
C CYS C 172 -17.80 -10.57 2.65
N LEU C 173 -16.86 -9.91 1.97
CA LEU C 173 -15.75 -10.62 1.35
C LEU C 173 -14.51 -9.73 1.50
N ILE C 174 -13.44 -10.27 2.06
CA ILE C 174 -12.23 -9.51 2.29
C ILE C 174 -11.07 -10.23 1.62
N GLN C 175 -10.33 -9.54 0.77
CA GLN C 175 -9.23 -10.19 0.05
C GLN C 175 -7.95 -10.20 0.91
N SER C 176 -6.99 -11.00 0.46
CA SER C 176 -5.78 -11.29 1.24
C SER C 176 -4.95 -10.05 1.52
N GLY C 177 -4.20 -10.09 2.62
CA GLY C 177 -3.25 -9.02 2.97
C GLY C 177 -3.91 -7.85 3.67
N THR C 178 -5.22 -7.82 3.73
CA THR C 178 -5.93 -6.72 4.33
C THR C 178 -5.88 -6.83 5.84
N VAL C 179 -5.85 -5.67 6.50
CA VAL C 179 -5.73 -5.59 7.95
C VAL C 179 -6.87 -4.72 8.43
N VAL C 180 -7.72 -5.24 9.32
CA VAL C 180 -8.85 -4.48 9.86
C VAL C 180 -8.66 -4.35 11.36
N GLY C 181 -8.55 -3.12 11.86
CA GLY C 181 -8.53 -2.89 13.30
C GLY C 181 -7.18 -2.59 13.89
N ALA C 182 -6.17 -2.30 13.08
CA ALA C 182 -4.88 -1.85 13.62
C ALA C 182 -5.07 -0.52 14.34
N ASP C 183 -4.15 -0.19 15.24
CA ASP C 183 -4.18 1.11 15.91
C ASP C 183 -4.28 2.25 14.90
N GLY C 184 -5.21 3.17 15.14
CA GLY C 184 -5.11 4.47 14.51
C GLY C 184 -3.83 5.20 14.89
N PHE C 185 -3.53 6.25 14.13
CA PHE C 185 -2.28 6.98 14.23
C PHE C 185 -2.41 8.10 15.27
N GLY C 186 -2.62 7.69 16.51
CA GLY C 186 -2.89 8.64 17.58
C GLY C 186 -1.75 8.79 18.57
N TYR C 187 -1.22 10.02 18.65
CA TYR C 187 -0.09 10.35 19.51
C TYR C 187 -0.30 11.77 20.00
N ALA C 188 0.04 11.99 21.26
CA ALA C 188 0.21 13.32 21.79
C ALA C 188 1.70 13.64 21.79
N ASN C 189 2.01 14.94 21.79
CA ASN C 189 3.40 15.38 21.72
C ASN C 189 3.81 15.95 23.08
N ASP C 190 4.90 15.43 23.62
CA ASP C 190 5.42 15.91 24.90
C ASP C 190 6.86 16.36 24.64
N ARG C 191 7.03 17.66 24.41
CA ARG C 191 8.37 18.24 24.29
C ARG C 191 9.16 17.56 23.18
N GLY C 192 8.49 17.31 22.07
CA GLY C 192 9.09 16.69 20.92
C GLY C 192 9.00 15.18 20.85
N ASN C 193 8.67 14.51 21.96
CA ASN C 193 8.50 13.06 21.99
C ASN C 193 7.03 12.69 21.79
N TRP C 194 6.79 11.61 21.05
CA TRP C 194 5.42 11.15 20.81
C TRP C 194 4.98 10.23 21.92
N VAL C 195 3.78 10.48 22.43
CA VAL C 195 3.19 9.69 23.51
C VAL C 195 2.01 8.94 22.91
N LYS C 196 2.06 7.61 22.95
CA LYS C 196 1.02 6.82 22.27
C LYS C 196 -0.34 7.04 22.94
N ILE C 197 -1.35 7.22 22.11
CA ILE C 197 -2.74 7.25 22.60
C ILE C 197 -3.33 5.89 22.27
N PRO C 198 -3.61 5.01 23.24
CA PRO C 198 -4.23 3.74 22.92
C PRO C 198 -5.52 3.96 22.14
N GLN C 199 -5.76 3.07 21.17
CA GLN C 199 -6.88 3.19 20.26
C GLN C 199 -7.88 2.13 20.70
N ILE C 200 -8.85 2.54 21.52
CA ILE C 200 -9.73 1.60 22.17
C ILE C 200 -11.13 1.61 21.58
N GLY C 201 -11.39 2.39 20.53
CA GLY C 201 -12.55 2.18 19.71
C GLY C 201 -12.35 0.91 18.87
N ARG C 202 -13.27 0.71 17.94
CA ARG C 202 -13.34 -0.51 17.14
C ARG C 202 -13.44 -0.19 15.65
N VAL C 203 -13.69 -1.24 14.85
CA VAL C 203 -14.18 -1.08 13.48
C VAL C 203 -15.51 -1.82 13.39
N ILE C 204 -16.51 -1.17 12.82
CA ILE C 204 -17.80 -1.80 12.54
C ILE C 204 -17.93 -1.84 11.04
N ILE C 205 -17.99 -3.06 10.48
CA ILE C 205 -18.21 -3.23 9.04
C ILE C 205 -19.61 -3.80 8.86
N GLY C 206 -20.34 -3.22 7.93
CA GLY C 206 -21.73 -3.55 7.69
C GLY C 206 -21.87 -4.85 6.90
N ASP C 207 -23.06 -5.03 6.35
CA ASP C 207 -23.32 -6.22 5.55
C ASP C 207 -22.94 -5.99 4.11
N ARG C 208 -22.55 -7.07 3.43
CA ARG C 208 -22.34 -7.06 1.98
C ARG C 208 -21.23 -6.08 1.59
N VAL C 209 -20.22 -5.99 2.43
CA VAL C 209 -19.07 -5.12 2.17
C VAL C 209 -18.01 -5.98 1.50
N GLU C 210 -17.39 -5.44 0.46
CA GLU C 210 -16.25 -6.11 -0.18
C GLU C 210 -15.03 -5.23 -0.02
N ILE C 211 -13.93 -5.84 0.43
CA ILE C 211 -12.69 -5.10 0.66
C ILE C 211 -11.59 -5.79 -0.09
N GLY C 212 -10.79 -5.00 -0.83
CA GLY C 212 -9.75 -5.55 -1.66
C GLY C 212 -8.52 -5.97 -0.89
N ALA C 213 -7.40 -6.14 -1.59
CA ALA C 213 -6.21 -6.72 -0.99
C ALA C 213 -5.25 -5.66 -0.48
N CYS C 214 -4.57 -5.97 0.63
CA CYS C 214 -3.61 -5.06 1.26
C CYS C 214 -4.23 -3.69 1.54
N THR C 215 -5.50 -3.70 1.90
CA THR C 215 -6.16 -2.50 2.39
C THR C 215 -6.07 -2.50 3.92
N THR C 216 -5.98 -1.29 4.52
CA THR C 216 -5.95 -1.19 5.97
C THR C 216 -7.08 -0.28 6.45
N ILE C 217 -7.83 -0.75 7.44
CA ILE C 217 -8.91 -0.01 8.05
C ILE C 217 -8.60 0.02 9.54
N ASP C 218 -8.17 1.17 10.05
CA ASP C 218 -7.80 1.25 11.45
C ASP C 218 -9.00 1.37 12.39
N ARG C 219 -8.82 0.85 13.61
CA ARG C 219 -9.82 0.99 14.66
C ARG C 219 -9.86 2.43 15.14
N GLY C 220 -10.98 2.82 15.77
CA GLY C 220 -11.11 4.18 16.27
C GLY C 220 -10.40 4.42 17.60
N ALA C 221 -10.18 5.70 17.89
CA ALA C 221 -9.48 6.07 19.12
C ALA C 221 -10.33 5.81 20.36
N LEU C 222 -11.60 6.21 20.30
CA LEU C 222 -12.54 6.09 21.41
C LEU C 222 -13.86 5.53 20.89
N ASP C 223 -14.49 6.30 20.00
CA ASP C 223 -15.60 5.81 19.20
C ASP C 223 -15.04 5.06 18.00
N ASP C 224 -15.91 4.66 17.05
CA ASP C 224 -15.56 3.62 16.10
C ASP C 224 -15.31 4.12 14.69
N THR C 225 -14.47 3.39 13.96
CA THR C 225 -14.42 3.45 12.51
C THR C 225 -15.61 2.63 11.98
N ILE C 226 -16.34 3.18 11.00
CA ILE C 226 -17.60 2.59 10.56
C ILE C 226 -17.65 2.50 9.04
N ILE C 227 -17.86 1.30 8.53
CA ILE C 227 -18.03 1.08 7.09
C ILE C 227 -19.48 0.65 6.89
N GLY C 228 -20.23 1.41 6.07
CA GLY C 228 -21.64 1.13 5.84
C GLY C 228 -21.89 -0.16 5.05
N ASN C 229 -23.17 -0.50 4.93
CA ASN C 229 -23.54 -1.68 4.16
C ASN C 229 -23.30 -1.44 2.69
N GLY C 230 -22.91 -2.50 1.98
CA GLY C 230 -22.90 -2.41 0.55
C GLY C 230 -21.75 -1.62 0.00
N VAL C 231 -20.81 -1.23 0.86
CA VAL C 231 -19.62 -0.50 0.45
C VAL C 231 -18.67 -1.45 -0.27
N ILE C 232 -18.01 -0.93 -1.30
CA ILE C 232 -16.96 -1.66 -1.97
C ILE C 232 -15.68 -0.83 -1.89
N ILE C 233 -14.59 -1.46 -1.47
CA ILE C 233 -13.29 -0.82 -1.31
C ILE C 233 -12.26 -1.68 -2.05
N ASP C 234 -11.44 -1.04 -2.87
CA ASP C 234 -10.47 -1.70 -3.75
C ASP C 234 -9.18 -1.97 -2.94
N ASN C 235 -8.10 -2.34 -3.63
CA ASN C 235 -6.81 -2.65 -3.03
C ASN C 235 -6.06 -1.43 -2.50
N GLN C 236 -5.18 -1.67 -1.53
CA GLN C 236 -4.17 -0.69 -1.14
C GLN C 236 -4.80 0.60 -0.60
N CYS C 237 -6.04 0.56 -0.09
CA CYS C 237 -6.64 1.75 0.49
C CYS C 237 -6.26 1.88 1.96
N GLN C 238 -6.19 3.13 2.44
CA GLN C 238 -5.97 3.38 3.86
C GLN C 238 -7.18 4.12 4.38
N ILE C 239 -7.89 3.49 5.31
CA ILE C 239 -9.04 4.09 5.94
C ILE C 239 -8.65 4.31 7.40
N ALA C 240 -8.40 5.57 7.74
CA ALA C 240 -7.86 5.94 9.06
C ALA C 240 -8.88 5.74 10.19
N HIS C 241 -8.39 5.91 11.43
CA HIS C 241 -9.27 5.82 12.60
C HIS C 241 -10.43 6.81 12.52
N ASN C 242 -11.62 6.35 12.93
CA ASN C 242 -12.82 7.16 13.08
C ASN C 242 -13.34 7.71 11.75
N VAL C 243 -12.87 7.17 10.64
CA VAL C 243 -13.54 7.41 9.37
C VAL C 243 -14.90 6.75 9.39
N VAL C 244 -15.90 7.40 8.79
CA VAL C 244 -17.21 6.80 8.58
C VAL C 244 -17.49 6.83 7.10
N ILE C 245 -17.84 5.68 6.53
CA ILE C 245 -18.14 5.59 5.10
C ILE C 245 -19.61 5.18 4.94
N GLY C 246 -20.39 6.01 4.27
CA GLY C 246 -21.81 5.74 4.13
C GLY C 246 -22.12 4.58 3.20
N ASP C 247 -23.30 3.97 3.42
CA ASP C 247 -23.74 2.83 2.61
C ASP C 247 -23.53 3.03 1.11
N ASN C 248 -23.12 1.95 0.44
CA ASN C 248 -23.08 1.82 -1.01
C ASN C 248 -22.01 2.71 -1.65
N THR C 249 -21.21 3.39 -0.87
CA THR C 249 -20.09 4.12 -1.43
C THR C 249 -19.05 3.17 -1.99
N ALA C 250 -18.39 3.60 -3.08
CA ALA C 250 -17.31 2.87 -3.71
C ALA C 250 -16.03 3.65 -3.55
N VAL C 251 -14.95 2.96 -3.20
CA VAL C 251 -13.62 3.56 -3.01
C VAL C 251 -12.67 2.75 -3.87
N ALA C 252 -12.10 3.36 -4.92
CA ALA C 252 -11.22 2.66 -5.83
C ALA C 252 -9.81 2.56 -5.28
N GLY C 253 -8.90 1.94 -6.04
CA GLY C 253 -7.64 1.51 -5.44
C GLY C 253 -6.73 2.67 -5.04
N GLY C 254 -6.02 2.46 -3.94
CA GLY C 254 -4.96 3.37 -3.55
C GLY C 254 -5.41 4.65 -2.90
N VAL C 255 -6.68 4.74 -2.46
CA VAL C 255 -7.16 5.96 -1.80
C VAL C 255 -6.64 6.01 -0.37
N ILE C 256 -6.23 7.19 0.06
CA ILE C 256 -5.72 7.40 1.40
C ILE C 256 -6.65 8.42 2.05
N MET C 257 -7.28 8.03 3.15
CA MET C 257 -8.19 8.87 3.91
C MET C 257 -7.57 9.15 5.27
N ALA C 258 -7.62 10.39 5.71
CA ALA C 258 -7.14 10.73 7.03
C ALA C 258 -8.22 10.56 8.10
N GLY C 259 -7.82 10.74 9.35
CA GLY C 259 -8.70 10.40 10.46
C GLY C 259 -9.93 11.30 10.55
N SER C 260 -11.04 10.72 10.99
CA SER C 260 -12.29 11.42 11.28
C SER C 260 -12.92 12.06 10.04
N LEU C 261 -12.62 11.52 8.87
CA LEU C 261 -13.34 11.87 7.67
C LEU C 261 -14.69 11.19 7.69
N LYS C 262 -15.75 11.92 7.38
CA LYS C 262 -17.05 11.29 7.16
C LYS C 262 -17.44 11.41 5.70
N ILE C 263 -17.74 10.28 5.06
CA ILE C 263 -18.20 10.24 3.66
C ILE C 263 -19.64 9.75 3.66
N GLY C 264 -20.49 10.41 2.87
CA GLY C 264 -21.90 10.06 2.82
C GLY C 264 -22.16 8.81 2.01
N ARG C 265 -23.46 8.52 1.85
CA ARG C 265 -23.91 7.38 1.06
C ARG C 265 -23.73 7.66 -0.43
N TYR C 266 -23.54 6.57 -1.19
CA TYR C 266 -23.55 6.61 -2.65
C TYR C 266 -22.47 7.55 -3.21
N CYS C 267 -21.36 7.71 -2.49
CA CYS C 267 -20.23 8.43 -3.06
C CYS C 267 -19.37 7.49 -3.91
N MET C 268 -18.54 8.09 -4.76
CA MET C 268 -17.62 7.35 -5.61
C MET C 268 -16.28 8.06 -5.54
N ILE C 269 -15.30 7.40 -4.95
CA ILE C 269 -13.99 8.01 -4.75
C ILE C 269 -13.00 7.33 -5.69
N GLY C 270 -12.48 8.10 -6.67
CA GLY C 270 -11.59 7.53 -7.66
C GLY C 270 -10.22 7.18 -7.14
N GLY C 271 -9.55 6.30 -7.90
CA GLY C 271 -8.31 5.70 -7.43
C GLY C 271 -7.26 6.75 -7.13
N ALA C 272 -6.45 6.47 -6.10
CA ALA C 272 -5.28 7.27 -5.75
C ALA C 272 -5.64 8.66 -5.25
N SER C 273 -6.91 8.92 -4.95
CA SER C 273 -7.30 10.16 -4.28
C SER C 273 -6.72 10.21 -2.87
N VAL C 274 -6.63 11.42 -2.33
CA VAL C 274 -6.13 11.69 -0.99
C VAL C 274 -7.17 12.59 -0.33
N ILE C 275 -7.70 12.17 0.82
CA ILE C 275 -8.79 12.91 1.44
C ILE C 275 -8.39 13.33 2.85
N ASN C 276 -8.45 14.65 3.09
CA ASN C 276 -8.11 15.19 4.40
C ASN C 276 -9.12 14.75 5.45
N GLY C 277 -8.75 14.93 6.73
CA GLY C 277 -9.54 14.44 7.84
C GLY C 277 -10.36 15.53 8.53
N HIS C 278 -11.06 15.12 9.58
CA HIS C 278 -11.86 16.01 10.40
C HIS C 278 -12.79 16.88 9.55
N MET C 279 -13.52 16.24 8.65
CA MET C 279 -14.41 16.97 7.76
C MET C 279 -15.35 15.98 7.11
N GLU C 280 -16.29 16.52 6.35
CA GLU C 280 -17.38 15.71 5.83
C GLU C 280 -17.49 15.88 4.32
N ILE C 281 -17.82 14.78 3.65
CA ILE C 281 -18.25 14.77 2.26
C ILE C 281 -19.69 14.29 2.27
N CYS C 282 -20.59 15.06 1.65
CA CYS C 282 -22.00 14.72 1.65
C CYS C 282 -22.30 13.52 0.74
N ASP C 283 -23.56 13.09 0.76
CA ASP C 283 -23.98 12.03 -0.16
C ASP C 283 -23.76 12.37 -1.63
N LYS C 284 -23.58 11.33 -2.44
CA LYS C 284 -23.64 11.42 -3.90
C LYS C 284 -22.55 12.35 -4.44
N VAL C 285 -21.38 12.24 -3.86
CA VAL C 285 -20.21 12.97 -4.35
C VAL C 285 -19.34 12.00 -5.12
N THR C 286 -18.86 12.43 -6.28
CA THR C 286 -17.86 11.70 -7.05
C THR C 286 -16.58 12.52 -7.06
N VAL C 287 -15.48 11.90 -6.69
CA VAL C 287 -14.14 12.49 -6.80
C VAL C 287 -13.41 11.69 -7.86
N THR C 288 -12.95 12.36 -8.92
CA THR C 288 -12.23 11.65 -9.97
C THR C 288 -10.82 11.31 -9.48
N GLY C 289 -10.16 10.39 -10.18
CA GLY C 289 -8.90 9.83 -9.74
C GLY C 289 -7.83 10.85 -9.38
N MET C 290 -7.05 10.53 -8.36
CA MET C 290 -5.99 11.35 -7.82
C MET C 290 -6.50 12.67 -7.25
N GLY C 291 -7.79 12.75 -6.92
CA GLY C 291 -8.30 14.00 -6.36
C GLY C 291 -7.62 14.36 -5.05
N MET C 292 -7.29 15.63 -4.92
CA MET C 292 -6.69 16.16 -3.69
C MET C 292 -7.79 16.87 -2.93
N VAL C 293 -8.40 16.17 -1.97
CA VAL C 293 -9.60 16.66 -1.31
C VAL C 293 -9.13 17.26 0.00
N MET C 294 -9.04 18.59 0.05
CA MET C 294 -8.55 19.25 1.25
C MET C 294 -9.66 19.82 2.13
N ARG C 295 -10.82 20.13 1.57
CA ARG C 295 -11.89 20.84 2.24
C ARG C 295 -13.18 20.06 2.17
N PRO C 296 -14.13 20.35 3.06
CA PRO C 296 -15.41 19.63 3.05
C PRO C 296 -16.13 19.80 1.73
N ILE C 297 -16.91 18.78 1.38
CA ILE C 297 -17.74 18.83 0.19
C ILE C 297 -19.19 18.82 0.63
N THR C 298 -19.90 19.90 0.32
CA THR C 298 -21.25 20.07 0.85
C THR C 298 -22.35 19.94 -0.19
N GLU C 299 -21.99 19.77 -1.46
CA GLU C 299 -22.98 19.67 -2.51
C GLU C 299 -22.69 18.42 -3.33
N PRO C 300 -23.70 17.67 -3.73
CA PRO C 300 -23.45 16.50 -4.58
C PRO C 300 -22.90 16.93 -5.93
N GLY C 301 -22.21 16.00 -6.58
CA GLY C 301 -21.70 16.33 -7.88
C GLY C 301 -20.31 15.75 -8.06
N VAL C 302 -19.67 16.15 -9.15
CA VAL C 302 -18.38 15.60 -9.56
C VAL C 302 -17.31 16.64 -9.32
N TYR C 303 -16.19 16.21 -8.71
CA TYR C 303 -15.09 17.10 -8.38
C TYR C 303 -13.77 16.48 -8.83
N SER C 304 -12.81 17.35 -9.20
CA SER C 304 -11.56 16.89 -9.81
C SER C 304 -10.40 17.78 -9.40
N SER C 305 -9.20 17.23 -9.46
CA SER C 305 -8.01 18.06 -9.33
C SER C 305 -6.90 17.43 -10.14
N GLY C 306 -5.81 18.17 -10.25
CA GLY C 306 -4.55 17.66 -10.77
C GLY C 306 -4.27 18.20 -12.15
N ILE C 307 -2.99 18.43 -12.42
CA ILE C 307 -2.52 18.85 -13.75
C ILE C 307 -1.88 17.64 -14.41
N PRO C 308 -2.44 17.12 -15.50
CA PRO C 308 -1.98 15.83 -16.03
C PRO C 308 -0.69 15.93 -16.83
N LEU C 309 -0.30 14.77 -17.33
CA LEU C 309 1.01 14.57 -17.93
C LEU C 309 1.25 15.46 -19.15
N GLN C 310 2.50 15.86 -19.33
CA GLN C 310 2.98 16.48 -20.56
C GLN C 310 4.36 15.94 -20.90
N PRO C 311 4.82 16.15 -22.13
CA PRO C 311 6.21 15.84 -22.44
C PRO C 311 7.11 16.56 -21.45
N ASN C 312 8.18 15.89 -21.01
CA ASN C 312 9.01 16.48 -19.95
C ASN C 312 9.50 17.88 -20.31
N LYS C 313 9.90 18.11 -21.56
CA LYS C 313 10.36 19.45 -21.94
C LYS C 313 9.27 20.47 -21.66
N VAL C 314 8.03 20.10 -21.98
CA VAL C 314 6.90 20.98 -21.77
C VAL C 314 6.62 21.15 -20.29
N TRP C 315 6.60 20.03 -19.56
CA TRP C 315 6.32 20.07 -18.13
C TRP C 315 7.27 21.02 -17.41
N ARG C 316 8.57 20.97 -17.73
CA ARG C 316 9.53 21.82 -17.04
C ARG C 316 9.11 23.28 -17.09
N LYS C 317 8.61 23.73 -18.25
CA LYS C 317 8.14 25.12 -18.37
C LYS C 317 6.82 25.33 -17.62
N THR C 318 5.87 24.40 -17.78
CA THR C 318 4.61 24.50 -17.04
C THR C 318 4.85 24.63 -15.54
N ALA C 319 5.68 23.74 -14.97
CA ALA C 319 5.92 23.78 -13.53
C ALA C 319 6.60 25.08 -13.11
N ALA C 320 7.60 25.52 -13.87
CA ALA C 320 8.29 26.75 -13.50
C ALA C 320 7.35 27.95 -13.59
N LEU C 321 6.53 28.00 -14.64
CA LEU C 321 5.60 29.12 -14.76
C LEU C 321 4.56 29.11 -13.66
N VAL C 322 3.98 27.95 -13.33
CA VAL C 322 3.02 27.91 -12.23
C VAL C 322 3.66 28.34 -10.92
N MET C 323 4.86 27.85 -10.62
CA MET C 323 5.48 28.19 -9.34
C MET C 323 5.73 29.69 -9.23
N ASN C 324 5.90 30.36 -10.37
CA ASN C 324 6.14 31.80 -10.44
CA ASN C 324 6.13 31.80 -10.41
C ASN C 324 4.90 32.56 -10.86
N ILE C 325 3.70 31.97 -10.66
CA ILE C 325 2.50 32.60 -11.20
C ILE C 325 2.21 33.92 -10.49
N ASP C 326 2.61 34.07 -9.23
CA ASP C 326 2.42 35.36 -8.57
C ASP C 326 3.09 36.48 -9.37
N ASP C 327 4.27 36.23 -9.92
CA ASP C 327 4.95 37.26 -10.71
C ASP C 327 4.20 37.56 -11.99
N MET C 328 3.67 36.51 -12.63
CA MET C 328 2.86 36.69 -13.82
C MET C 328 1.62 37.53 -13.49
N SER C 329 0.98 37.22 -12.37
CA SER C 329 -0.18 37.98 -11.92
C SER C 329 0.15 39.46 -11.72
N LYS C 330 1.28 39.73 -11.07
CA LYS C 330 1.67 41.12 -10.84
C LYS C 330 1.90 41.85 -12.15
N ARG C 331 2.58 41.21 -13.09
CA ARG C 331 2.81 41.82 -14.39
C ARG C 331 1.50 42.07 -15.12
N LEU C 332 0.57 41.11 -15.09
CA LEU C 332 -0.73 41.37 -15.68
C LEU C 332 -1.38 42.60 -15.06
N LYS C 333 -1.32 42.74 -13.74
CA LYS C 333 -1.96 43.88 -13.11
C LYS C 333 -1.28 45.18 -13.53
N SER C 334 0.05 45.15 -13.59
CA SER C 334 0.80 46.33 -14.00
C SER C 334 0.49 46.73 -15.43
N LEU C 335 0.35 45.74 -16.32
CA LEU C 335 0.02 46.05 -17.70
C LEU C 335 -1.40 46.62 -17.80
N GLU C 336 -2.34 46.08 -17.01
CA GLU C 336 -3.68 46.65 -16.98
C GLU C 336 -3.65 48.11 -16.56
N ARG C 337 -2.94 48.41 -15.48
CA ARG C 337 -2.90 49.80 -15.02
C ARG C 337 -2.28 50.71 -16.08
N LYS C 338 -1.20 50.26 -16.72
CA LYS C 338 -0.54 51.09 -17.71
C LYS C 338 -1.45 51.36 -18.92
N VAL C 339 -2.22 50.35 -19.33
CA VAL C 339 -3.12 50.51 -20.48
C VAL C 339 -4.32 51.38 -20.13
N ASN C 340 -4.81 51.28 -18.90
CA ASN C 340 -5.98 52.07 -18.47
C ASN C 340 -5.57 53.41 -17.86
#